data_3J8D
#
_entry.id   3J8D
#
_cell.length_a   1
_cell.length_b   1
_cell.length_c   1
_cell.angle_alpha   90
_cell.angle_beta   90
_cell.angle_gamma   90
#
_symmetry.space_group_name_H-M   'P 1'
#
loop_
_entity.id
_entity.type
_entity.pdbx_description
1 polymer 'glycoprotein DIII'
2 polymer 'antibody E111 Fab fragment'
3 polymer 'Envelope protein E'
#
loop_
_entity_poly.entity_id
_entity_poly.type
_entity_poly.pdbx_seq_one_letter_code
_entity_poly.pdbx_strand_id
1 'polypeptide(L)'
;YVMCTGSFKLEKEVAETQHGTVLVQVKYEGTDAPCKIPFSSQDEKGVTQNGRLITANPIVTDKEKPVNIEAEPPFGESYI
VVGAGEKALKLSWFKKG
;
B,F
2 'polypeptide(L)'
;NIVLTQSPASLAVSLGQRATISCRASESVDSFIYWYQQKPGQPPKLLIYLASNLESGVPARFSGSGSETDFTLTIDSVET
DDAATYYCQQNNEDPYTFGGGTKLEIKQVQLLQPGAELVKPGASMKLSCKASGYTFTNWWMHWVRLRPGRGLEWIGRIDP
NSDVNKYNEKFENRASLTVDKHSSTAYMQLTSEDSAIYYCARWFFPWYFDVWGTGTTVTVSRADAAPTVSIFPPSSEQLT
SGGASVVCFLNNFYPKDINVKWKIDGSERQNGVLNSWTDQDSKDSTYSMSSTLTLTKDEYERHNSYTCEATHKTSTSPIV
KSFNRSAKTTAPSVYPLAPVCGGTTGSSVTLGCLVKGYFPEPVTLTWNSGSLSSGVHTFPALLQSGLYTLSSSVTVTSNT
WPSQTITCNVAHPASSTKVDKKIES
;
A,D
3 'polypeptide(L)'
;MRCIGISNRDFVEGVSGGSWVDIVLEHGSCVTTMAKNKPTLDFELIKTEAKQPATLRKYCIEAKLTNTTTESRCPTQGEP
TLNEEQDKRFVCKHSMVDRGWGNGCGLFGKGGIVTCAMFTCKKNMEGKIVQPENLEYTVVITPHSGEEHAVGNDTGKHGK
EVKITPQSSITEAELTGYGTVTMECSPRTGLDFNEMVLLQMKDKAWLVHRQWFLDLPLPWLPGADTQGSNWIQKETLVTF
KNPHAKKQDVVVLGSQEGAMHTALTGATEIQMSSGNLLFTGHLKCRLRMDKLQLKGMSYSMCTGKFKVVKEIAETQHGTI
VIRVQYEGDGSPCKIPFEIMDLEKRHVLGRLITVNPIVTEKDSPVNIEAEPPFGDSYIIIGVEPGQLKLNWFKK
;
G,H,I
#
# COMPACT_ATOMS: atom_id res chain seq x y z
CA TYR A 1 -14.74 13.24 -11.46
CA VAL A 2 -17.18 15.87 -12.67
CA MET A 3 -16.23 19.47 -13.42
CA CYS A 4 -16.50 21.89 -10.49
CA THR A 5 -19.70 23.95 -10.62
CA GLY A 6 -19.09 26.55 -7.93
CA SER A 7 -17.49 30.00 -7.88
CA PHE A 8 -13.85 30.95 -7.29
CA LYS A 9 -12.28 33.72 -5.21
CA LEU A 10 -8.69 34.88 -5.71
CA GLU A 11 -6.58 34.19 -2.60
CA LYS A 12 -3.20 35.57 -3.68
CA GLU A 13 -1.52 37.87 -6.19
CA VAL A 14 -0.55 36.28 -9.52
CA ALA A 15 3.22 35.69 -9.67
CA GLU A 16 5.71 35.17 -12.48
CA THR A 17 8.24 32.42 -11.80
CA GLN A 18 11.97 32.46 -12.63
CA HIS A 19 11.28 30.61 -15.86
CA GLY A 20 8.40 32.50 -17.45
CA THR A 21 5.58 30.57 -15.80
CA VAL A 22 2.87 31.67 -13.38
CA LEU A 23 1.75 30.37 -9.96
CA VAL A 24 -1.91 30.97 -9.12
CA GLN A 25 -3.49 30.12 -5.76
CA VAL A 26 -7.28 30.24 -5.58
CA LYS A 27 -10.00 29.53 -3.04
CA TYR A 28 -13.01 27.45 -4.00
CA GLU A 29 -16.62 28.33 -3.31
CA GLY A 30 -18.60 25.25 -4.31
CA THR A 31 -20.32 22.24 -2.79
CA ASP A 32 -19.41 19.49 -5.25
CA ALA A 33 -15.89 18.65 -4.08
CA PRO A 34 -14.21 16.49 -5.04
CA CYS A 35 -14.39 17.81 -8.61
CA LYS A 36 -12.21 18.74 -11.57
CA ILE A 37 -11.27 22.43 -11.89
CA PRO A 38 -12.24 24.20 -15.14
CA PHE A 39 -9.08 25.90 -16.43
CA SER A 40 -8.49 27.63 -19.77
CA SER A 41 -6.56 30.53 -21.31
CA GLN A 42 -7.88 32.98 -23.89
CA ASP A 43 -7.38 36.48 -25.29
CA GLU A 44 -9.27 39.78 -25.08
CA LYS A 45 -11.76 38.88 -27.81
CA GLY A 46 -12.72 35.63 -26.11
CA VAL A 47 -10.63 33.64 -28.57
CA THR A 48 -9.18 30.38 -27.27
CA GLN A 49 -5.41 30.80 -27.17
CA ASN A 50 -2.87 28.01 -26.91
CA GLY A 51 -0.63 27.18 -23.95
CA ARG A 52 0.26 24.33 -21.60
CA LEU A 53 -0.39 23.11 -18.04
CA ILE A 54 2.52 22.21 -15.78
CA THR A 55 0.24 20.91 -13.02
CA ALA A 56 -0.97 17.36 -13.76
CA ASN A 57 -4.73 17.74 -13.22
CA PRO A 58 -6.20 20.58 -11.07
CA ILE A 59 -8.72 19.06 -8.64
CA VAL A 60 -10.56 20.40 -5.58
CA THR A 61 -10.15 17.71 -2.92
CA ASP A 62 -11.60 19.84 -0.13
CA LYS A 63 -13.62 22.99 -0.80
CA GLU A 64 -12.06 24.59 2.29
CA LYS A 65 -8.53 24.09 0.94
CA PRO A 66 -6.94 26.44 -1.66
CA VAL A 67 -5.26 24.82 -4.68
CA ASN A 68 -1.99 25.95 -6.27
CA ILE A 69 -1.60 25.88 -10.07
CA GLU A 70 1.52 26.50 -12.18
CA ALA A 71 1.06 27.22 -15.89
CA GLU A 72 2.90 28.43 -18.99
CA PRO A 73 0.60 31.09 -20.54
CA PRO A 74 0.81 32.20 -24.19
CA PHE A 75 3.14 35.06 -25.06
CA GLY A 76 1.72 38.57 -24.93
CA GLU A 77 -1.71 39.49 -23.59
CA SER A 78 -4.03 36.77 -22.32
CA TYR A 79 -6.79 35.93 -19.85
CA ILE A 80 -6.48 33.19 -17.27
CA VAL A 81 -9.89 31.56 -16.83
CA VAL A 82 -10.59 29.68 -13.60
CA GLY A 83 -14.00 28.00 -13.34
CA ALA A 84 -17.00 28.10 -15.64
CA GLY A 85 -20.29 29.95 -16.00
CA GLU A 86 -21.24 33.57 -15.35
CA LYS A 87 -19.05 33.88 -12.24
CA ALA A 88 -15.94 32.55 -14.00
CA LEU A 89 -12.71 34.16 -12.75
CA LYS A 90 -10.96 36.19 -15.48
CA LEU A 91 -7.42 37.41 -14.74
CA SER A 92 -5.25 39.44 -17.14
CA TRP A 93 -1.65 38.36 -17.79
CA PHE A 94 1.22 39.50 -20.00
CA LYS A 95 4.22 37.36 -20.90
CA LYS A 96 7.03 39.25 -22.67
CA GLY A 97 9.00 37.53 -25.42
CA ASN B 1 -9.90 26.49 -39.37
CA ILE B 2 -10.53 23.23 -37.54
CA VAL B 3 -12.72 21.04 -39.75
CA LEU B 4 -15.16 18.59 -38.15
CA THR B 5 -16.21 15.52 -40.11
CA GLN B 6 -18.99 13.30 -38.77
CA SER B 7 -19.59 9.63 -39.55
CA PRO B 8 -21.80 8.19 -40.67
CA ALA B 9 -24.07 10.62 -42.52
CA SER B 10 -27.12 8.76 -41.22
CA LEU B 11 -28.02 5.49 -39.51
CA ALA B 12 -31.06 3.58 -38.26
CA VAL B 13 -31.01 1.75 -34.93
CA SER B 14 -33.58 -0.70 -33.55
CA LEU B 15 -35.42 0.61 -30.50
CA GLY B 16 -33.59 -0.29 -27.31
CA GLN B 17 -30.35 -1.03 -29.14
CA ARG B 18 -27.04 0.84 -28.92
CA ALA B 19 -26.08 3.71 -31.24
CA THR B 20 -22.61 5.17 -31.87
CA ILE B 21 -21.61 8.29 -33.84
CA SER B 22 -18.07 9.50 -34.50
CA CYS B 23 -16.65 12.98 -35.05
CA ARG B 24 -13.13 13.59 -36.36
CA ALA B 25 -11.21 16.87 -36.36
CA SER B 26 -8.64 17.96 -38.95
CA GLU B 27 -6.39 18.89 -36.02
CA SER B 28 -6.31 18.83 -32.22
CA VAL B 29 -9.15 20.51 -30.34
CA ASP B 30 -7.54 20.00 -26.94
CA SER B 31 -11.25 18.67 -25.36
CA PHE B 32 -13.08 21.78 -26.53
CA ILE B 33 -15.79 19.80 -28.30
CA TYR B 34 -19.52 19.55 -27.65
CA TRP B 35 -22.44 17.36 -28.71
CA TYR B 36 -25.86 18.84 -29.45
CA GLN B 37 -29.21 17.27 -30.28
CA GLN B 38 -31.66 18.96 -32.61
CA LYS B 39 -35.23 17.95 -33.44
CA PRO B 40 -37.35 19.33 -36.32
CA GLY B 41 -38.94 22.69 -35.53
CA GLN B 42 -36.74 22.99 -32.46
CA PRO B 43 -33.49 24.80 -31.61
CA PRO B 44 -30.48 22.61 -30.75
CA LYS B 45 -29.98 21.27 -27.24
CA LEU B 46 -26.67 20.53 -25.54
CA LEU B 47 -25.99 16.93 -24.58
CA ILE B 48 -22.25 16.63 -23.99
CA TYR B 49 -19.63 19.21 -23.06
CA LEU B 50 -15.84 18.93 -22.84
CA ALA B 51 -16.00 15.60 -24.71
CA SER B 52 -17.22 13.48 -21.78
CA ASN B 53 -19.21 15.56 -19.28
CA LEU B 54 -22.97 15.10 -19.05
CA GLU B 55 -25.12 18.23 -18.90
CA SER B 56 -27.69 18.25 -16.07
CA GLY B 57 -31.07 17.01 -17.26
CA VAL B 58 -29.57 14.78 -19.94
CA PRO B 59 -30.53 11.08 -19.52
CA ALA B 60 -27.76 8.76 -18.31
CA ARG B 61 -28.06 6.62 -21.44
CA PHE B 62 -26.20 9.40 -23.26
CA SER B 63 -22.40 9.37 -23.08
CA GLY B 64 -19.35 10.79 -24.87
CA SER B 65 -15.64 9.96 -25.21
CA GLY B 66 -12.47 10.71 -27.14
CA SER B 67 -9.55 13.13 -27.45
CA GLU B 68 -7.36 15.20 -29.79
CA THR B 69 -8.97 14.49 -33.15
CA ASP B 70 -11.17 11.45 -32.53
CA PHE B 71 -14.46 11.55 -30.61
CA THR B 72 -17.53 9.34 -30.17
CA LEU B 73 -21.09 9.77 -28.90
CA THR B 74 -22.89 6.69 -27.56
CA ILE B 75 -26.52 6.01 -26.68
CA ASP B 76 -26.59 2.60 -24.99
CA SER B 77 -30.36 2.16 -25.48
CA VAL B 78 -32.14 4.31 -28.06
CA GLU B 79 -35.73 5.42 -27.51
CA THR B 80 -38.42 6.85 -29.82
CA ASP B 81 -37.79 10.44 -28.75
CA ASP B 82 -34.10 9.96 -29.54
CA ALA B 83 -34.88 10.40 -33.22
CA ALA B 84 -33.18 13.65 -34.17
CA THR B 85 -30.17 15.10 -35.95
CA TYR B 86 -26.97 15.19 -33.88
CA TYR B 87 -24.15 17.73 -34.32
CA CYS B 88 -20.66 18.03 -32.87
CA GLN B 89 -19.02 21.46 -32.49
CA GLN B 90 -15.57 22.85 -31.63
CA ASN B 91 -14.39 26.17 -30.26
CA ASN B 92 -10.65 25.54 -29.87
CA GLU B 93 -10.06 28.20 -32.53
CA ASP B 94 -12.02 30.84 -34.43
CA PRO B 95 -14.16 30.48 -36.33
CA TYR B 96 -16.21 27.85 -34.50
CA THR B 97 -17.04 24.89 -36.76
CA PHE B 98 -19.70 22.19 -36.78
CA GLY B 99 -19.63 18.60 -37.99
CA GLY B 100 -21.65 17.61 -41.04
CA GLY B 101 -24.40 16.14 -38.89
CA THR B 102 -25.53 12.60 -38.21
CA LYS B 103 -29.17 11.64 -38.64
CA LEU B 104 -30.50 8.96 -36.28
CA GLU B 105 -33.55 6.89 -37.12
CA ILE B 106 -35.50 4.55 -34.87
CA LYS B 107 -35.93 1.18 -36.29
CA GLN B 108 -36.63 32.14 -16.24
CA VAL B 109 -34.15 32.73 -19.06
CA GLN B 110 -35.58 33.63 -22.48
CA LEU B 111 -33.93 34.63 -25.75
CA LEU B 112 -36.69 35.89 -28.04
CA GLN B 113 -36.36 36.26 -31.81
CA PRO B 114 -38.90 37.30 -34.46
CA GLY B 115 -40.51 34.34 -36.20
CA ALA B 116 -39.84 35.31 -39.81
CA GLU B 117 -38.13 37.77 -42.15
CA LEU B 118 -38.62 38.41 -45.86
CA VAL B 119 -35.76 40.33 -47.42
CA LYS B 120 -34.69 41.13 -50.98
CA PRO B 121 -31.40 39.91 -52.48
CA GLY B 122 -28.55 42.39 -51.99
CA ALA B 123 -30.54 44.15 -49.27
CA SER B 124 -29.72 44.19 -45.56
CA MET B 125 -31.48 42.71 -42.54
CA LYS B 126 -31.37 43.31 -38.77
CA LEU B 127 -32.39 40.43 -36.48
CA SER B 128 -33.21 40.93 -32.80
CA CYS B 129 -32.76 38.70 -29.74
CA LYS B 130 -34.47 39.90 -26.57
CA ALA B 131 -32.95 38.44 -23.44
CA SER B 132 -34.77 38.14 -20.12
CA GLY B 133 -34.45 36.34 -16.80
CA TYR B 134 -30.79 37.22 -16.35
CA THR B 135 -28.22 40.02 -16.50
CA PHE B 136 -27.93 40.63 -20.25
CA THR B 137 -24.45 42.18 -19.96
CA ASN B 138 -23.14 39.25 -17.90
CA TRP B 139 -23.04 36.82 -20.82
CA TRP B 140 -21.70 36.89 -24.37
CA MET B 141 -24.14 36.44 -27.24
CA HIS B 142 -23.40 34.33 -30.32
CA TRP B 143 -25.22 33.98 -33.61
CA VAL B 144 -25.59 30.72 -35.55
CA ARG B 145 -27.58 29.82 -38.67
CA LEU B 146 -29.09 26.56 -39.87
CA ARG B 147 -29.36 26.00 -43.62
CA PRO B 148 -31.41 23.13 -45.13
CA GLY B 149 -29.11 20.15 -45.73
CA ARG B 150 -26.09 22.32 -44.94
CA GLY B 151 -25.94 22.14 -41.16
CA LEU B 152 -25.19 24.84 -38.61
CA GLU B 153 -22.90 27.80 -39.29
CA TRP B 154 -21.28 30.14 -36.77
CA ILE B 155 -21.54 33.85 -37.56
CA GLY B 156 -19.99 35.69 -34.60
CA ARG B 157 -20.04 36.67 -30.94
CA ILE B 158 -20.26 39.86 -28.88
CA ASP B 159 -19.76 40.84 -25.24
CA PRO B 160 -22.75 43.11 -24.39
CA ASN B 161 -20.87 44.56 -21.41
CA SER B 162 -17.97 46.02 -23.36
CA ASP B 163 -19.27 45.74 -26.94
CA VAL B 164 -16.17 43.69 -27.80
CA ASN B 165 -16.90 41.35 -30.71
CA LYS B 166 -15.55 38.74 -33.13
CA TYR B 167 -16.79 37.72 -36.56
CA ASN B 168 -16.47 34.65 -38.72
CA GLU B 169 -14.06 35.78 -41.44
CA LYS B 170 -16.50 34.49 -44.07
CA PHE B 171 -19.02 37.04 -42.83
CA GLU B 172 -16.65 39.76 -41.61
CA ASN B 173 -17.15 42.11 -44.57
CA ARG B 174 -20.89 41.47 -44.47
CA ALA B 175 -22.01 41.30 -40.84
CA SER B 176 -22.41 43.59 -37.82
CA LEU B 177 -23.10 42.61 -34.20
CA THR B 178 -24.58 45.27 -31.93
CA VAL B 179 -26.56 45.43 -28.70
CA ASP B 180 -29.12 47.52 -26.86
CA LYS B 181 -28.50 47.13 -23.13
CA HIS B 182 -31.64 49.12 -22.20
CA SER B 183 -33.96 46.52 -23.71
CA SER B 184 -31.56 43.62 -23.10
CA THR B 185 -31.63 42.94 -26.83
CA ALA B 186 -28.81 41.84 -29.11
CA TYR B 187 -28.89 42.62 -32.81
CA MET B 188 -27.23 41.10 -35.86
CA GLN B 189 -27.18 42.84 -39.24
CA LEU B 190 -26.31 41.16 -42.52
CA THR B 191 -28.47 36.01 -51.29
CA SER B 192 -30.62 32.88 -51.51
CA GLU B 193 -27.67 31.09 -49.90
CA ASP B 194 -28.45 33.10 -46.76
CA SER B 195 -31.94 31.64 -46.43
CA ALA B 196 -31.79 29.83 -43.09
CA ILE B 197 -33.05 29.70 -39.52
CA TYR B 198 -31.08 32.18 -37.41
CA TYR B 199 -30.55 31.51 -33.71
CA CYS B 200 -28.99 33.67 -31.05
CA ALA B 201 -27.36 31.73 -28.24
CA ARG B 202 -26.02 32.57 -24.81
CA TRP B 203 -22.42 31.53 -24.22
CA PHE B 204 -21.75 29.43 -21.16
CA PHE B 205 -18.31 30.96 -20.72
CA PRO B 206 -15.98 29.76 -21.89
CA TRP B 207 -17.55 26.58 -23.23
CA TYR B 208 -20.91 25.80 -24.81
CA PHE B 209 -24.19 27.48 -25.68
CA ASP B 210 -26.58 26.97 -22.77
CA VAL B 211 -29.66 28.87 -23.96
CA TRP B 212 -30.89 29.09 -27.56
CA GLY B 213 -33.16 31.71 -29.07
CA THR B 214 -36.58 30.94 -30.52
CA GLY B 215 -35.09 31.23 -34.00
CA THR B 216 -35.84 33.49 -36.96
CA THR B 217 -36.70 31.91 -40.29
CA VAL B 218 -35.07 34.18 -42.85
CA THR B 219 -36.05 34.11 -46.51
CA VAL B 220 -34.05 36.10 -49.03
CA SER B 221 -36.45 36.63 -51.92
CA ARG B 222 -34.35 -0.82 -25.30
CA ALA B 223 -36.93 -3.60 -25.49
CA ASP B 224 -40.16 -2.84 -27.32
CA ALA B 225 -42.98 -1.46 -25.21
CA ALA B 226 -46.64 -0.82 -25.90
CA PRO B 227 -47.70 2.78 -25.25
CA THR B 228 -49.67 3.74 -22.17
CA VAL B 229 -52.74 5.51 -23.52
CA SER B 230 -54.70 8.13 -21.60
CA ILE B 231 -57.43 10.37 -22.99
CA PHE B 232 -58.46 13.79 -21.66
CA PRO B 233 -61.60 15.85 -22.52
CA PRO B 234 -61.48 19.68 -22.70
CA SER B 235 -61.29 21.55 -19.39
CA SER B 236 -64.22 23.63 -18.12
CA GLU B 237 -61.89 26.64 -18.26
CA GLN B 238 -61.18 26.08 -21.96
CA LEU B 239 -64.91 25.66 -22.55
CA THR B 240 -65.51 29.08 -20.99
CA SER B 241 -63.27 30.60 -23.68
CA GLY B 242 -65.30 28.87 -26.41
CA GLY B 243 -62.76 26.30 -27.61
CA ALA B 244 -62.52 22.52 -27.32
CA SER B 245 -59.25 20.59 -27.57
CA VAL B 246 -59.15 16.86 -26.84
CA VAL B 247 -55.78 15.48 -25.78
CA CYS B 248 -54.45 11.91 -25.92
CA PHE B 249 -51.15 10.94 -24.28
CA LEU B 250 -49.21 7.87 -25.41
CA ASN B 251 -46.38 7.40 -22.93
CA ASN B 252 -43.28 5.22 -22.77
CA PHE B 253 -43.43 3.30 -26.07
CA TYR B 254 -40.68 1.99 -28.36
CA PRO B 255 -39.84 2.15 -31.34
CA LYS B 256 -40.63 5.67 -32.50
CA ASP B 257 -43.01 4.66 -35.25
CA ILE B 258 -46.62 4.75 -34.14
CA ASN B 259 -49.93 5.89 -35.58
CA VAL B 260 -53.04 7.40 -34.02
CA LYS B 261 -56.55 7.51 -35.47
CA TRP B 262 -59.40 9.67 -34.17
CA LYS B 263 -63.07 8.83 -34.49
CA ILE B 264 -66.13 10.91 -33.60
CA ASP B 265 -69.37 8.91 -33.28
CA GLY B 266 -67.69 6.13 -35.27
CA SER B 267 -66.74 8.50 -38.07
CA GLU B 268 -63.02 8.89 -38.81
CA ARG B 269 -61.66 12.40 -38.28
CA GLN B 270 -58.56 13.43 -40.19
CA ASN B 271 -58.85 17.22 -40.04
CA GLY B 272 -57.75 19.21 -36.99
CA VAL B 273 -55.24 16.66 -35.75
CA LEU B 274 -51.86 17.81 -34.44
CA ASN B 275 -49.16 15.39 -33.25
CA SER B 276 -45.95 15.65 -31.23
CA TRP B 277 -43.22 13.27 -30.03
CA THR B 278 -40.64 13.68 -27.29
CA ASP B 279 -36.99 12.85 -27.86
CA GLN B 280 -35.59 9.73 -26.18
CA ASP B 281 -35.99 9.76 -22.41
CA SER B 282 -32.73 10.21 -20.51
CA LYS B 283 -33.83 7.70 -17.84
CA ASP B 284 -35.73 4.84 -19.54
CA SER B 285 -34.96 5.14 -23.29
CA THR B 286 -38.64 5.33 -24.12
CA TYR B 287 -40.57 7.71 -26.34
CA SER B 288 -43.77 9.61 -25.68
CA MET B 289 -46.38 11.22 -27.90
CA SER B 290 -49.07 13.83 -27.43
CA SER B 291 -51.93 14.15 -29.87
CA THR B 292 -54.36 17.04 -29.91
CA LEU B 293 -57.62 17.16 -31.84
CA THR B 294 -58.91 20.72 -31.89
CA LEU B 295 -62.55 21.61 -32.40
CA THR B 296 -64.91 24.47 -31.68
CA LYS B 297 -67.14 24.08 -28.60
CA ASP B 298 -70.22 24.10 -30.84
CA GLU B 299 -69.08 21.21 -33.02
CA TYR B 300 -67.94 19.34 -29.91
CA GLU B 301 -71.31 19.61 -28.14
CA ARG B 302 -73.15 18.05 -31.07
CA HIS B 303 -71.45 14.68 -30.68
CA ASN B 304 -71.37 11.87 -28.07
CA SER B 305 -68.60 9.32 -28.17
CA TYR B 306 -65.01 10.31 -28.90
CA THR B 307 -62.31 7.75 -29.64
CA CYS B 308 -58.51 7.68 -29.80
CA GLU B 309 -56.87 4.60 -31.28
CA ALA B 310 -53.17 3.77 -31.01
CA THR B 311 -51.56 1.42 -33.53
CA HIS B 312 -48.00 0.32 -32.83
CA LYS B 313 -45.47 -2.40 -33.73
CA THR B 314 -46.18 -4.11 -30.40
CA SER B 315 -49.94 -4.14 -30.95
CA THR B 316 -51.67 -5.92 -33.83
CA SER B 317 -55.17 -4.98 -32.77
CA PRO B 318 -54.73 -1.38 -31.53
CA ILE B 319 -55.14 -0.24 -27.92
CA VAL B 320 -58.22 1.99 -27.90
CA LYS B 321 -59.31 4.65 -25.40
CA SER B 322 -62.60 6.55 -25.63
CA PHE B 323 -65.04 8.70 -23.69
CA ASN B 324 -68.65 9.90 -23.69
CA ARG B 325 -69.06 13.62 -22.92
CA SER B 326 -43.98 40.03 -37.31
CA ALA B 327 -46.40 38.20 -35.02
CA LYS B 328 -47.22 39.93 -31.73
CA THR B 329 -46.74 38.90 -28.10
CA THR B 330 -49.47 36.62 -26.76
CA ALA B 331 -49.95 35.15 -23.27
CA PRO B 332 -50.67 31.43 -23.02
CA SER B 333 -53.93 29.93 -21.85
CA VAL B 334 -53.39 27.27 -19.19
CA TYR B 335 -55.94 24.49 -18.77
CA PRO B 336 -55.94 21.68 -16.20
CA LEU B 337 -56.52 18.19 -17.61
CA ALA B 338 -58.39 15.97 -15.16
CA PRO B 339 -59.57 12.43 -16.04
CA VAL B 340 -62.98 11.38 -17.36
CA CYS B 341 -65.55 10.95 -14.59
CA GLY B 342 -65.73 7.35 -15.82
CA GLY B 343 -62.09 7.10 -16.79
CA THR B 344 -60.55 6.58 -13.35
CA THR B 345 -58.90 3.26 -14.22
CA GLY B 346 -55.69 1.78 -12.84
CA SER B 347 -53.67 1.63 -9.63
CA SER B 348 -52.07 4.92 -10.66
CA VAL B 349 -53.84 8.02 -12.01
CA THR B 350 -52.47 10.26 -14.78
CA LEU B 351 -53.10 14.02 -14.96
CA GLY B 352 -52.20 16.67 -17.53
CA CYS B 353 -51.68 20.37 -18.28
CA LEU B 354 -52.46 22.09 -21.59
CA VAL B 355 -50.78 25.37 -22.57
CA LYS B 356 -52.40 26.82 -25.69
CA GLY B 357 -52.19 29.89 -27.91
CA TYR B 358 -49.00 31.68 -26.87
CA PHE B 359 -46.23 33.56 -28.66
CA PRO B 360 -43.29 33.69 -28.84
CA GLU B 361 -41.42 30.65 -27.59
CA PRO B 362 -40.54 29.52 -24.94
CA VAL B 363 -42.67 28.66 -21.94
CA THR B 364 -41.49 26.91 -18.78
CA LEU B 365 -43.83 24.40 -17.15
CA THR B 366 -43.25 22.79 -13.76
CA TRP B 367 -45.32 20.71 -11.35
CA ASN B 368 -45.68 21.75 -7.71
CA SER B 369 -43.05 24.48 -8.23
CA GLY B 370 -40.51 21.85 -9.29
CA SER B 371 -40.90 19.62 -6.23
CA LEU B 372 -42.46 17.02 -8.52
CA SER B 373 -40.15 16.19 -11.42
CA SER B 374 -40.26 12.41 -11.77
CA GLY B 375 -42.77 10.71 -14.03
CA VAL B 376 -43.20 13.89 -16.06
CA HIS B 377 -43.30 14.30 -19.84
CA THR B 378 -43.32 17.84 -21.22
CA PHE B 379 -44.02 17.96 -24.94
CA PRO B 380 -42.46 20.21 -27.64
CA ALA B 381 -44.37 23.33 -28.70
CA LEU B 382 -46.27 23.46 -32.00
CA LEU B 383 -47.00 26.42 -34.26
CA GLN B 384 -50.68 26.62 -35.18
CA SER B 385 -52.67 29.54 -36.64
CA GLY B 386 -49.55 31.57 -35.79
CA LEU B 387 -49.62 30.59 -32.13
CA TYR B 388 -47.75 27.94 -30.14
CA THR B 389 -49.33 25.02 -28.28
CA LEU B 390 -47.73 22.54 -25.87
CA SER B 391 -48.78 19.95 -23.29
CA SER B 392 -47.40 18.05 -20.30
CA SER B 393 -48.39 14.81 -18.58
CA VAL B 394 -47.66 13.56 -15.07
CA THR B 395 -48.39 10.08 -13.71
CA VAL B 396 -48.79 9.39 -9.98
CA THR B 397 -50.07 6.62 -7.74
CA SER B 398 -53.80 6.70 -6.92
CA ASN B 399 -52.78 7.31 -3.30
CA THR B 400 -51.31 10.65 -4.38
CA TRP B 401 -54.30 12.13 -6.22
CA PRO B 402 -56.85 13.43 -5.52
CA SER B 403 -55.60 12.96 -1.93
CA GLN B 404 -52.56 15.24 -2.25
CA THR B 405 -52.55 18.57 -4.08
CA ILE B 406 -51.12 18.92 -7.60
CA THR B 407 -50.69 22.20 -9.46
CA CYS B 408 -49.33 23.04 -12.91
CA ASN B 409 -47.17 26.17 -13.03
CA VAL B 410 -46.44 27.97 -16.29
CA ALA B 411 -44.10 30.92 -16.80
CA HIS B 412 -44.01 32.84 -20.07
CA PRO B 413 -41.20 35.40 -19.73
CA ALA B 414 -41.88 37.01 -23.13
CA SER B 415 -45.27 38.15 -21.87
CA SER B 416 -43.89 38.28 -18.32
CA THR B 417 -46.67 36.00 -17.06
CA LYS B 418 -46.77 33.20 -14.48
CA VAL B 419 -49.85 31.07 -13.83
CA ASP B 420 -50.69 28.28 -11.38
CA LYS B 421 -53.57 25.85 -11.99
CA LYS B 422 -54.92 23.38 -9.43
CA ILE B 423 -56.23 20.09 -10.83
CA GLU B 424 -59.85 19.66 -9.74
CA SER B 425 -62.58 17.04 -10.32
CA ASN C 1 44.81 -14.76 -18.56
CA ILE C 2 44.80 -15.86 -14.93
CA VAL C 3 47.21 -18.79 -14.59
CA LEU C 4 46.53 -21.47 -11.97
CA THR C 5 49.48 -23.47 -10.62
CA GLN C 6 48.82 -26.47 -8.37
CA SER C 7 51.19 -28.00 -5.84
CA PRO C 8 52.32 -30.62 -5.51
CA ALA C 9 52.04 -32.50 -8.83
CA SER C 10 51.18 -35.69 -6.93
CA LEU C 11 51.22 -37.07 -3.38
CA ALA C 12 50.42 -40.25 -1.48
CA VAL C 13 48.62 -40.16 1.87
CA SER C 14 48.11 -43.02 4.34
CA LEU C 15 44.46 -44.05 4.72
CA GLY C 16 42.75 -42.04 7.42
CA GLN C 17 45.43 -39.35 7.42
CA ARG C 18 45.08 -35.71 6.39
CA ALA C 19 45.78 -34.44 2.85
CA THR C 20 46.40 -30.86 1.70
CA ILE C 21 46.67 -29.47 -1.84
CA SER C 22 47.47 -25.86 -2.78
CA CYS C 23 46.48 -23.77 -5.80
CA ARG C 24 48.12 -20.42 -6.61
CA ALA C 25 46.90 -17.82 -9.09
CA SER C 26 49.11 -15.46 -11.11
CA GLU C 27 46.78 -12.66 -10.01
CA SER C 28 43.70 -12.06 -7.87
CA VAL C 29 40.60 -14.14 -8.58
CA ASP C 30 38.44 -12.23 -6.09
CA SER C 31 36.92 -15.89 -4.57
CA PHE C 32 35.84 -17.09 -8.00
CA ILE C 33 37.65 -20.41 -7.66
CA TYR C 34 36.34 -23.96 -7.54
CA TRP C 35 37.62 -27.43 -6.64
CA TYR C 36 36.63 -30.48 -8.68
CA GLN C 37 37.31 -34.19 -8.22
CA GLN C 38 37.77 -36.49 -11.19
CA LYS C 39 38.10 -40.27 -11.24
CA PRO C 40 39.25 -42.41 -14.20
CA GLY C 41 36.50 -43.04 -16.74
CA GLN C 42 34.34 -40.43 -15.04
CA PRO C 43 33.53 -36.77 -15.70
CA PRO C 44 34.66 -34.25 -13.06
CA LYS C 45 32.57 -33.58 -9.96
CA LEU C 46 32.35 -30.32 -8.03
CA LEU C 47 33.57 -30.36 -4.44
CA ILE C 48 34.14 -26.75 -3.42
CA TYR C 49 32.70 -23.50 -4.75
CA LEU C 50 33.58 -19.89 -3.95
CA ALA C 51 36.78 -21.07 -2.23
CA SER C 52 35.16 -22.32 0.99
CA ASN C 53 31.54 -23.39 0.39
CA LEU C 54 30.68 -27.10 0.46
CA GLU C 55 28.43 -28.43 -2.30
CA SER C 56 25.45 -30.48 -1.08
CA GLY C 57 26.25 -34.20 -1.10
CA VAL C 58 29.96 -33.65 -0.53
CA PRO C 59 31.27 -35.37 2.64
CA ALA C 60 32.13 -33.07 5.55
CA ARG C 61 35.74 -34.29 5.58
CA PHE C 62 36.27 -32.13 2.49
CA SER C 63 37.07 -28.43 3.06
CA GLY C 64 38.56 -25.43 1.28
CA SER C 65 40.15 -22.10 2.21
CA GLY C 66 42.15 -19.14 0.90
CA SER C 67 41.88 -15.82 -0.92
CA GLU C 68 43.28 -13.57 -3.66
CA THR C 69 46.02 -15.75 -5.10
CA ASP C 70 46.52 -18.49 -2.50
CA PHE C 71 44.10 -21.36 -1.92
CA THR C 72 44.10 -24.76 -0.21
CA LEU C 73 41.97 -27.92 -0.29
CA THR C 74 42.01 -30.16 2.77
CA ILE C 75 40.75 -33.69 3.39
CA ASP C 76 41.07 -34.31 7.13
CA SER C 77 40.78 -38.10 6.79
CA VAL C 78 41.37 -39.69 3.38
CA GLU C 79 39.48 -42.82 2.32
CA THR C 80 40.00 -45.40 -0.42
CA ASP C 81 37.44 -43.81 -2.74
CA ASP C 82 39.23 -40.47 -2.34
CA ALA C 83 41.86 -41.65 -4.82
CA ALA C 84 41.39 -39.41 -7.83
CA THR C 85 42.85 -36.41 -9.64
CA TYR C 86 41.88 -33.02 -8.21
CA TYR C 87 41.63 -29.80 -10.22
CA CYS C 88 41.13 -26.15 -9.26
CA GLN C 89 39.48 -23.72 -11.70
CA GLN C 90 38.90 -19.96 -11.97
CA ASN C 91 36.35 -17.86 -13.84
CA ASN C 92 37.27 -14.35 -12.65
CA GLU C 93 38.25 -13.56 -16.24
CA ASP C 94 37.98 -15.10 -19.70
CA PRO C 95 39.22 -17.50 -20.70
CA TYR C 96 38.55 -19.83 -17.76
CA THR C 97 41.72 -21.62 -16.65
CA PHE C 98 42.47 -24.82 -14.74
CA GLY C 99 45.32 -25.74 -12.41
CA GLY C 100 47.84 -28.35 -13.51
CA GLY C 101 46.14 -31.04 -11.44
CA THR C 102 47.13 -32.84 -8.26
CA LYS C 103 47.08 -36.64 -8.13
CA LEU C 104 46.18 -38.20 -4.79
CA GLU C 105 47.18 -41.73 -3.88
CA ILE C 106 46.04 -43.82 -0.95
CA LYS C 107 48.84 -45.23 1.01
CA GLN C 108 16.34 -35.91 -13.74
CA VAL C 109 18.96 -33.79 -15.48
CA GLN C 110 20.96 -35.43 -18.26
CA LEU C 111 23.56 -34.08 -20.68
CA LEU C 112 24.13 -36.78 -23.31
CA GLN C 113 27.13 -36.90 -25.64
CA PRO C 114 28.17 -39.48 -28.26
CA GLY C 115 30.72 -41.96 -26.95
CA ALA C 116 33.37 -41.60 -29.64
CA GLU C 117 34.45 -39.72 -32.76
CA LEU C 118 37.06 -40.57 -35.37
CA VAL C 119 38.08 -37.59 -37.49
CA LYS C 120 40.86 -36.87 -39.98
CA PRO C 121 43.53 -34.21 -39.40
CA GLY C 122 42.55 -30.82 -40.85
CA ALA C 123 38.92 -31.95 -41.05
CA SER C 124 36.04 -30.64 -38.96
CA MET C 125 33.87 -32.24 -36.27
CA LYS C 126 30.49 -31.45 -34.69
CA LEU C 127 29.82 -32.77 -31.19
CA SER C 128 26.34 -32.93 -29.68
CA CYS C 129 25.06 -32.58 -26.10
CA LYS C 130 21.41 -33.51 -25.56
CA ALA C 131 19.95 -31.93 -22.45
CA SER C 132 16.92 -33.29 -20.61
CA GLY C 133 15.18 -32.92 -17.26
CA TYR C 134 15.24 -29.12 -17.31
CA THR C 135 14.56 -26.03 -19.41
CA PHE C 136 17.42 -26.14 -21.93
CA THR C 137 17.24 -22.40 -22.65
CA ASN C 138 17.36 -21.50 -18.93
CA TRP C 139 21.03 -22.39 -18.50
CA TRP C 140 24.25 -21.59 -20.34
CA MET C 141 26.25 -24.45 -21.83
CA HIS C 142 30.04 -24.65 -21.69
CA TRP C 143 32.50 -26.96 -23.42
CA VAL C 144 35.67 -28.35 -21.82
CA ARG C 145 38.21 -30.91 -23.02
CA LEU C 146 40.51 -33.29 -21.15
CA ARG C 147 43.81 -34.20 -22.78
CA PRO C 148 46.02 -37.05 -21.47
CA GLY C 149 48.59 -35.62 -19.06
CA ARG C 150 47.58 -32.10 -20.07
CA GLY C 151 44.59 -31.46 -17.83
CA LEU C 152 41.29 -29.75 -18.58
CA GLU C 153 40.90 -26.96 -21.14
CA TRP C 154 38.02 -24.51 -21.51
CA ILE C 155 36.71 -23.99 -25.04
CA GLY C 156 33.72 -21.68 -24.76
CA ARG C 157 30.18 -20.97 -23.57
CA ILE C 158 26.80 -20.15 -25.12
CA ASP C 159 23.42 -18.93 -23.87
CA PRO C 160 20.84 -21.17 -25.65
CA ASN C 161 18.10 -18.61 -24.99
CA SER C 162 19.67 -15.74 -26.92
CA ASP C 163 22.44 -17.57 -28.81
CA VAL C 164 24.95 -15.19 -27.21
CA ASN C 165 28.36 -16.83 -26.95
CA LYS C 166 32.02 -16.48 -25.96
CA TYR C 167 35.07 -18.40 -27.13
CA ASN C 168 38.50 -19.11 -25.73
CA GLU C 169 40.74 -16.92 -27.87
CA LYS C 170 42.99 -19.93 -28.53
CA PHE C 171 40.05 -21.59 -30.28
CA GLU C 172 38.23 -18.51 -31.57
CA ASN C 173 39.34 -18.86 -35.19
CA ARG C 174 38.68 -22.59 -35.05
CA ALA C 175 35.49 -23.19 -33.06
CA SER C 176 31.75 -22.63 -33.35
CA LEU C 177 29.09 -23.01 -30.65
CA THR C 178 25.50 -23.49 -31.76
CA VAL C 179 22.27 -24.90 -30.37
CA ASP C 180 19.07 -26.63 -31.41
CA LYS C 181 16.33 -25.60 -28.97
CA HIS C 182 13.79 -28.02 -30.47
CA SER C 183 15.80 -31.07 -29.42
CA SER C 184 17.36 -29.34 -26.40
CA THR C 185 20.76 -30.10 -27.88
CA ALA C 186 23.89 -27.96 -27.89
CA TYR C 187 26.54 -28.39 -30.57
CA MET C 188 30.23 -27.57 -30.80
CA GLN C 189 32.13 -27.59 -34.06
CA LEU C 190 35.92 -27.60 -34.38
CA THR C 191 45.25 -32.12 -35.18
CA SER C 192 46.51 -34.94 -32.95
CA GLU C 193 46.81 -32.29 -30.24
CA ASP C 194 43.00 -32.13 -30.28
CA SER C 195 42.62 -35.78 -29.30
CA ALA C 196 40.83 -35.58 -25.94
CA ILE C 197 37.64 -36.32 -24.03
CA TYR C 198 35.12 -33.55 -24.70
CA TYR C 199 32.54 -32.68 -22.06
CA CYS C 200 29.63 -30.29 -22.21
CA ALA C 201 28.69 -28.78 -18.87
CA ARG C 202 25.76 -26.81 -17.51
CA TRP C 203 26.68 -23.51 -15.91
CA PHE C 204 25.40 -22.91 -12.42
CA PHE C 205 25.09 -19.19 -13.04
CA PRO C 206 27.24 -17.38 -12.41
CA TRP C 207 29.59 -19.82 -10.69
CA TYR C 208 30.46 -23.45 -11.31
CA PHE C 209 29.52 -26.34 -13.58
CA ASP C 210 26.80 -28.36 -11.83
CA VAL C 211 26.06 -31.06 -14.43
CA TRP C 212 28.61 -32.69 -16.72
CA GLY C 213 27.97 -34.48 -20.00
CA THR C 214 28.73 -38.16 -20.56
CA GLY C 215 31.82 -37.15 -22.53
CA THR C 216 32.91 -37.77 -26.10
CA THR C 217 36.27 -39.43 -26.71
CA VAL C 218 37.61 -37.70 -29.81
CA THR C 219 40.42 -39.18 -31.88
CA VAL C 220 41.97 -37.15 -34.67
CA SER C 221 43.49 -39.75 -36.97
CA ARG C 222 41.19 -42.61 8.87
CA ALA C 223 42.13 -45.76 10.77
CA ASP C 224 42.46 -48.96 8.75
CA ALA C 225 39.32 -51.06 8.44
CA ALA C 226 38.67 -54.53 7.09
CA PRO C 227 36.04 -54.63 4.34
CA THR C 228 32.54 -55.87 5.00
CA VAL C 229 32.00 -58.60 2.43
CA SER C 230 28.61 -59.61 1.08
CA ILE C 231 27.93 -61.91 -1.85
CA PHE C 232 24.85 -61.93 -4.09
CA PRO C 233 23.73 -64.59 -6.63
CA PRO C 234 21.96 -63.62 -9.89
CA SER C 235 18.32 -62.53 -9.60
CA SER C 236 15.50 -64.71 -10.98
CA GLU C 237 14.64 -61.78 -13.26
CA GLN C 238 18.15 -61.76 -14.76
CA LEU C 239 17.94 -65.52 -15.17
CA THR C 240 14.78 -65.09 -17.22
CA SER C 241 16.76 -62.97 -19.68
CA GLY C 242 19.40 -65.70 -19.99
CA GLY C 243 22.32 -64.02 -18.22
CA ALA C 244 24.07 -64.63 -14.89
CA SER C 245 26.05 -61.96 -13.05
CA VAL C 246 27.37 -62.63 -9.55
CA VAL C 247 28.03 -59.54 -7.42
CA CYS C 248 30.29 -59.11 -4.38
CA PHE C 249 30.24 -55.93 -2.30
CA LEU C 250 33.21 -54.93 -0.14
CA ASN C 251 32.09 -51.96 1.95
CA ASN C 252 33.83 -49.45 4.20
CA PHE C 253 37.49 -50.51 3.97
CA TYR C 254 40.73 -48.48 4.12
CA PRO C 255 43.30 -48.06 2.46
CA LYS C 256 42.28 -48.18 -1.19
CA ASP C 257 44.47 -51.08 -2.14
CA ILE C 258 42.64 -54.38 -2.04
CA ASN C 259 42.43 -57.52 -4.16
CA VAL C 260 39.63 -59.94 -4.92
CA LYS C 261 39.90 -63.50 -6.22
CA TRP C 262 37.03 -65.55 -7.63
CA LYS C 263 36.83 -69.34 -7.55
CA ILE C 264 34.28 -71.66 -9.15
CA ASP C 265 34.26 -75.19 -7.70
CA GLY C 266 37.72 -74.52 -6.28
CA SER C 267 39.07 -73.44 -9.67
CA GLU C 268 40.38 -69.87 -9.96
CA ARG C 269 38.48 -67.68 -12.41
CA GLN C 270 40.28 -64.73 -13.95
CA ASN C 271 38.15 -64.12 -17.04
CA GLY C 272 34.90 -62.17 -16.89
CA VAL C 273 35.77 -60.16 -13.80
CA LEU C 274 34.94 -56.46 -13.63
CA ASN C 275 35.85 -54.25 -10.65
CA SER C 276 34.83 -50.81 -9.39
CA TRP C 277 35.73 -48.57 -6.43
CA THR C 278 33.89 -45.60 -4.97
CA ASP C 279 35.66 -42.36 -4.16
CA GLN C 280 36.21 -41.48 -0.50
CA ASP C 281 32.99 -41.34 1.50
CA SER C 282 32.00 -37.83 2.55
CA LYS C 283 30.82 -39.09 5.96
CA ASP C 284 33.20 -41.82 7.18
CA SER C 285 36.33 -41.54 4.97
CA THR C 286 36.02 -45.16 3.92
CA TYR C 287 36.17 -46.78 0.51
CA SER C 288 33.88 -49.32 -1.09
CA MET C 289 34.25 -51.77 -3.94
CA SER C 290 31.86 -53.70 -6.17
CA SER C 291 33.03 -56.73 -8.10
CA THR C 292 30.99 -58.40 -10.82
CA LEU C 293 31.73 -61.78 -12.36
CA THR C 294 29.62 -62.20 -15.48
CA LEU C 295 28.72 -65.58 -16.93
CA THR C 296 26.08 -67.09 -19.18
CA LYS C 297 23.21 -68.88 -17.43
CA ASP C 298 24.29 -72.18 -19.04
CA GLU C 299 27.85 -72.05 -17.71
CA TYR C 300 26.50 -70.95 -14.32
CA GLU C 301 24.08 -73.87 -13.97
CA ARG C 302 26.85 -76.43 -14.51
CA HIS C 303 28.67 -75.50 -11.29
CA ASN C 304 27.96 -75.71 -7.54
CA SER C 305 30.03 -73.64 -5.15
CA TYR C 306 30.99 -70.06 -5.94
CA THR C 307 33.57 -68.16 -3.92
CA CYS C 308 34.66 -64.54 -3.49
CA GLU C 309 37.86 -63.88 -1.55
CA ALA C 310 38.96 -60.48 -0.28
CA THR C 311 42.63 -59.83 0.48
CA HIS C 312 43.49 -56.55 2.19
CA LYS C 313 46.22 -54.87 4.26
CA THR C 314 44.18 -55.48 7.41
CA SER C 315 43.74 -59.18 6.69
CA THR C 316 46.60 -61.67 6.38
CA SER C 317 44.38 -64.66 5.77
CA PRO C 318 41.63 -63.24 3.51
CA ILE C 319 37.98 -62.86 4.49
CA VAL C 320 36.07 -65.32 2.31
CA LYS C 321 32.39 -65.39 1.33
CA SER C 322 30.81 -68.15 -0.75
CA PHE C 323 27.51 -69.73 -1.75
CA ASN C 324 26.01 -72.92 -3.18
CA ARG C 325 23.38 -72.34 -5.88
CA SER C 326 27.89 -44.15 -32.68
CA ALA C 327 26.34 -46.57 -30.19
CA LYS C 328 22.56 -46.49 -29.92
CA THR C 329 20.19 -45.77 -27.03
CA THR C 330 19.58 -48.72 -24.72
CA ALA C 331 17.35 -49.04 -21.65
CA PRO C 332 18.85 -50.55 -18.52
CA SER C 333 17.87 -53.86 -17.01
CA VAL C 334 17.15 -53.59 -13.30
CA TYR C 335 17.63 -56.63 -11.07
CA PRO C 336 16.93 -56.91 -7.34
CA LEU C 337 19.73 -58.47 -5.28
CA ALA C 338 18.39 -60.43 -2.31
CA PRO C 339 20.63 -62.52 -0.01
CA VAL C 340 21.42 -66.23 -0.27
CA CYS C 341 18.73 -68.41 1.30
CA GLY C 342 21.54 -69.59 3.59
CA GLY C 343 23.36 -66.29 3.69
CA THR C 344 21.16 -64.43 6.19
CA THR C 345 23.97 -63.73 8.67
CA GLY C 346 24.38 -60.79 11.02
CA SER C 347 22.30 -58.43 13.15
CA SER C 348 21.85 -56.27 10.03
CA VAL C 349 20.95 -57.46 6.53
CA THR C 350 22.43 -56.01 3.32
CA LEU C 351 20.51 -55.77 0.02
CA GLY C 352 21.49 -54.66 -3.47
CA CYS C 353 20.35 -53.41 -6.87
CA LEU C 354 22.00 -54.23 -10.22
CA VAL C 355 21.55 -52.00 -13.27
CA LYS C 356 22.99 -53.65 -16.37
CA GLY C 357 23.30 -53.07 -20.10
CA TYR C 358 22.32 -49.44 -20.64
CA PHE C 359 23.50 -46.58 -22.85
CA PRO C 360 24.31 -43.75 -22.71
CA GLU C 361 25.28 -42.47 -19.28
CA PRO C 362 23.89 -41.51 -16.79
CA VAL C 363 21.33 -43.33 -14.69
CA THR C 364 19.90 -42.16 -11.37
CA LEU C 365 19.26 -44.76 -8.67
CA THR C 366 17.44 -44.09 -5.42
CA TRP C 367 16.02 -46.22 -2.61
CA ASN C 368 12.39 -45.81 -1.52
CA SER C 369 12.08 -42.73 -3.76
CA GLY C 370 14.90 -41.04 -1.86
CA SER C 371 13.43 -41.49 1.62
CA LEU C 372 16.26 -43.93 2.33
CA SER C 373 19.63 -42.30 1.70
CA SER C 374 21.83 -43.32 4.63
CA GLY C 375 23.96 -46.46 4.50
CA VAL C 376 23.89 -46.43 0.71
CA HIS C 377 26.78 -46.96 -1.71
CA THR C 378 26.11 -46.37 -5.41
CA PHE C 379 28.93 -47.53 -7.64
CA PRO C 380 30.40 -45.89 -10.79
CA ALA C 381 29.22 -47.15 -14.17
CA LEU C 382 31.41 -49.41 -16.31
CA LEU C 383 31.59 -49.76 -20.10
CA GLN C 384 31.34 -53.40 -21.19
CA SER C 385 30.57 -54.83 -24.65
CA GLY C 386 29.59 -51.25 -25.50
CA LEU C 387 27.05 -51.02 -22.68
CA TYR C 388 27.22 -49.55 -19.18
CA THR C 389 26.79 -51.48 -15.93
CA LEU C 390 26.46 -50.17 -12.37
CA SER C 391 25.40 -51.42 -8.93
CA SER C 392 24.24 -50.10 -5.56
CA SER C 393 24.24 -51.56 -2.05
CA VAL C 394 22.15 -50.66 0.99
CA THR C 395 22.63 -51.98 4.54
CA VAL C 396 19.82 -51.98 7.10
CA THR C 397 19.07 -53.55 10.47
CA SER C 398 17.44 -57.00 10.41
CA ASN C 399 14.40 -55.36 12.01
CA THR C 400 13.94 -53.32 8.82
CA TRP C 401 13.98 -56.12 6.24
CA PRO C 402 12.10 -58.18 5.24
CA SER C 403 9.70 -56.58 7.75
CA GLN C 404 9.53 -53.17 6.04
CA THR C 405 9.35 -52.65 2.28
CA ILE C 406 12.41 -51.70 0.24
CA THR C 407 12.38 -50.78 -3.45
CA CYS C 408 15.13 -49.77 -5.87
CA ASN C 409 14.16 -46.99 -8.28
CA VAL C 410 16.11 -46.32 -11.47
CA ALA C 411 15.59 -43.46 -13.91
CA HIS C 412 17.33 -43.39 -17.28
CA PRO C 413 16.42 -40.05 -18.90
CA ALA C 414 18.24 -40.82 -22.16
CA SER C 415 15.79 -43.65 -22.82
CA SER C 416 13.14 -41.77 -20.82
CA THR C 417 12.59 -44.80 -18.57
CA LYS C 418 11.86 -45.16 -14.84
CA VAL C 419 11.66 -48.54 -13.09
CA ASP C 420 10.86 -49.65 -9.54
CA LYS C 421 11.91 -53.06 -8.20
CA LYS C 422 10.72 -54.58 -4.91
CA ILE C 423 13.24 -56.80 -3.10
CA GLU C 424 11.68 -60.23 -2.58
CA SER C 425 12.83 -63.54 -1.06
CA TYR D 1 27.38 -18.54 7.13
CA VAL D 2 26.43 -20.44 4.00
CA MET D 3 25.44 -18.80 0.72
CA CYS D 4 21.73 -18.09 0.28
CA THR D 5 20.00 -20.71 -1.86
CA GLY D 6 16.60 -19.13 -2.48
CA SER D 7 15.19 -16.79 -5.11
CA PHE D 8 15.11 -12.99 -5.16
CA LYS D 9 12.36 -10.55 -6.12
CA LEU D 10 13.05 -6.89 -6.92
CA GLU D 11 11.36 -4.59 -4.41
CA LYS D 12 12.37 -1.16 -5.74
CA GLU D 13 13.68 0.63 -8.83
CA VAL D 14 17.46 0.73 -9.21
CA ALA D 15 18.81 4.19 -8.36
CA GLU D 16 22.01 6.08 -9.17
CA THR D 17 23.47 7.98 -6.23
CA GLN D 18 25.04 11.44 -6.27
CA HIS D 19 28.48 9.91 -6.58
CA GLY D 20 28.12 7.35 -9.37
CA THR D 21 27.06 4.42 -7.20
CA VAL D 22 23.83 2.41 -7.10
CA LEU D 23 21.42 1.52 -4.29
CA VAL D 24 19.52 -1.76 -4.75
CA GLN D 25 16.79 -2.99 -2.39
CA VAL D 26 15.66 -6.58 -2.85
CA LYS D 27 13.27 -9.01 -1.18
CA TYR D 28 14.39 -12.52 -0.35
CA GLU D 29 12.48 -15.70 -1.13
CA GLY D 30 14.40 -18.46 0.63
CA THR D 31 14.27 -20.60 3.77
CA ASP D 32 17.93 -20.71 4.81
CA ALA D 33 18.24 -17.34 6.56
CA PRO D 34 20.54 -16.35 8.02
CA CYS D 35 22.76 -16.73 4.95
CA LYS D 36 25.27 -14.84 2.81
CA ILE D 37 23.89 -13.12 -0.30
CA PRO D 38 25.41 -14.12 -3.67
CA PHE D 39 26.39 -10.85 -5.41
CA SER D 40 28.40 -10.36 -8.60
CA SER D 41 28.66 -8.05 -11.62
CA GLN D 42 29.22 -9.12 -15.22
CA ASP D 43 28.70 -8.03 -18.82
CA GLU D 44 26.38 -9.06 -21.67
CA LYS D 45 28.49 -12.05 -22.72
CA GLY D 46 28.52 -13.48 -19.20
CA VAL D 47 32.07 -12.28 -18.65
CA THR D 48 33.01 -11.46 -15.06
CA GLN D 49 33.64 -7.71 -14.91
CA ASN D 50 35.47 -5.87 -12.16
CA GLY D 51 34.00 -3.49 -9.58
CA ARG D 52 33.72 -2.96 -5.84
CA LEU D 53 31.26 -3.37 -2.96
CA ILE D 54 30.57 -0.44 -0.63
CA THR D 55 28.39 -2.55 1.69
CA ALA D 56 30.52 -4.65 4.08
CA ASN D 57 28.96 -8.10 3.62
CA PRO D 58 25.38 -8.55 2.28
CA ILE D 59 23.54 -11.00 4.57
CA VAL D 60 19.88 -12.02 4.92
CA THR D 61 19.17 -11.87 8.64
CA ASP D 62 15.42 -12.37 8.24
CA LYS D 63 13.88 -13.68 5.02
CA GLU D 64 10.89 -11.38 5.57
CA LYS D 65 13.12 -8.28 5.67
CA PRO D 66 14.45 -6.59 2.49
CA VAL D 67 18.18 -5.77 2.38
CA ASN D 68 19.71 -2.58 0.95
CA ILE D 69 22.97 -2.76 -1.03
CA GLU D 70 25.15 0.08 -2.33
CA ALA D 71 27.73 -0.72 -5.00
CA GLU D 72 30.12 0.90 -7.50
CA PRO D 73 29.49 -0.91 -10.81
CA PRO D 74 31.97 -0.99 -13.70
CA PHE D 75 31.81 1.80 -16.28
CA GLY D 76 29.56 1.26 -19.28
CA GLU D 77 27.16 -1.64 -19.71
CA SER D 78 26.93 -4.32 -17.04
CA TYR D 79 24.65 -6.82 -15.31
CA ILE D 80 23.98 -6.80 -11.59
CA VAL D 81 23.63 -10.39 -10.41
CA VAL D 82 21.76 -11.05 -7.16
CA GLY D 83 21.57 -14.67 -6.03
CA ALA D 84 22.68 -17.86 -7.75
CA GLY D 85 21.23 -20.65 -9.86
CA GLU D 86 18.62 -20.63 -12.61
CA LYS D 87 16.43 -18.02 -10.91
CA ALA D 88 19.31 -15.57 -10.40
CA LEU D 89 18.25 -11.92 -10.66
CA LYS D 90 19.89 -10.15 -13.63
CA LEU D 91 19.52 -6.37 -13.82
CA SER D 92 21.00 -4.14 -16.56
CA TRP D 93 22.95 -1.02 -15.59
CA PHE D 94 24.90 1.69 -17.42
CA LYS D 95 27.46 3.96 -15.78
CA LYS D 96 28.64 6.84 -17.98
CA GLY D 97 32.27 7.96 -17.83
CA MET E 1 22.44 43.36 15.37
CA ARG E 2 19.59 40.91 15.82
CA CYS E 3 20.15 38.58 12.88
CA ILE E 4 22.60 35.63 12.61
CA GLY E 5 24.45 35.07 9.32
CA ILE E 6 24.78 31.69 7.64
CA SER E 7 28.13 29.93 7.34
CA ASN E 8 29.90 29.75 3.98
CA ARG E 9 29.35 25.98 4.08
CA ASP E 10 25.58 26.52 4.40
CA PHE E 11 25.13 27.21 0.70
CA VAL E 12 26.20 25.95 -2.69
CA GLU E 13 26.27 28.00 -5.91
CA GLY E 14 25.93 25.73 -8.93
CA VAL E 15 28.05 26.17 -12.07
CA SER E 16 24.64 26.16 -13.74
CA GLY E 17 21.18 25.99 -12.16
CA GLY E 18 20.61 27.82 -8.90
CA SER E 19 22.02 28.39 -5.43
CA TRP E 20 20.82 26.18 -2.57
CA VAL E 21 20.89 27.35 1.01
CA ASP E 22 20.23 25.62 4.34
CA ILE E 23 18.92 27.53 7.35
CA VAL E 24 17.70 26.55 10.78
CA LEU E 25 14.91 28.67 12.20
CA GLU E 26 14.32 28.62 15.94
CA HIS E 27 11.99 30.80 17.95
CA GLY E 28 13.66 33.96 19.18
CA SER E 29 16.26 33.92 16.40
CA CYS E 30 16.84 35.72 13.11
CA VAL E 31 18.82 34.26 10.14
CA THR E 32 20.18 36.47 7.39
CA THR E 33 21.75 36.00 4.02
CA MET E 34 22.83 38.36 1.28
CA ALA E 35 23.67 37.93 -2.37
CA LYS E 36 26.07 40.11 -4.31
CA ASN E 37 24.45 43.45 -5.21
CA LYS E 38 21.14 42.18 -3.88
CA PRO E 39 18.95 43.20 -0.93
CA THR E 40 19.83 41.51 2.36
CA LEU E 41 17.26 38.94 3.54
CA ASP E 42 16.13 38.03 7.04
CA PHE E 43 14.29 34.82 7.94
CA GLU E 44 12.37 34.25 11.15
CA LEU E 45 9.92 31.65 12.47
CA ILE E 46 7.22 33.70 14.23
CA LYS E 47 4.99 31.00 15.64
CA THR E 48 3.99 27.37 15.65
CA GLU E 49 0.34 26.67 16.27
CA ALA E 50 -2.13 23.79 16.23
CA LYS E 51 -5.54 24.95 15.01
CA GLN E 52 -8.85 23.27 15.81
CA PRO E 53 -7.53 19.87 17.01
CA ALA E 54 -10.23 17.18 16.82
CA THR E 55 -11.57 15.50 19.97
CA LEU E 56 -10.34 11.98 20.75
CA ARG E 57 -12.59 11.42 23.77
CA LYS E 58 -14.75 13.36 26.21
CA TYR E 59 -14.73 12.64 29.94
CA CYS E 60 -17.35 13.74 32.45
CA ILE E 61 -15.79 15.11 35.66
CA GLU E 62 -18.98 16.22 37.41
CA ALA E 63 -22.33 14.52 37.08
CA LYS E 64 -25.66 15.02 38.84
CA LEU E 65 -28.31 12.39 39.51
CA THR E 66 -32.06 12.98 39.27
CA ASN E 67 -35.28 11.02 38.68
CA THR E 68 -34.32 8.02 40.82
CA THR E 69 -36.84 5.21 40.27
CA THR E 70 -37.08 1.67 41.59
CA GLU E 71 -39.16 -1.43 40.88
CA SER E 72 -39.13 -4.11 43.59
CA ARG E 73 -40.77 -7.56 43.49
CA CYS E 74 -41.74 -10.10 46.14
CA PRO E 75 -40.54 -13.69 46.13
CA THR E 76 -42.33 -15.72 43.35
CA GLN E 77 -42.96 -12.49 41.39
CA GLY E 78 -39.91 -12.70 39.17
CA GLU E 79 -37.70 -10.00 37.70
CA PRO E 80 -38.52 -6.28 38.03
CA THR E 81 -38.20 -3.95 35.08
CA LEU E 82 -37.99 -0.28 34.15
CA ASN E 83 -38.41 1.43 30.78
CA GLU E 84 -35.46 3.65 31.74
CA GLU E 85 -33.17 0.61 31.45
CA GLN E 86 -33.41 1.30 27.71
CA ASP E 87 -32.67 5.02 28.08
CA LYS E 88 -28.91 5.54 27.75
CA ARG E 89 -29.20 8.71 29.83
CA PHE E 90 -29.92 6.50 32.86
CA VAL E 91 -27.59 4.47 35.06
CA CYS E 92 -29.32 1.32 36.34
CA LYS E 93 -28.59 -1.64 38.59
CA HIS E 94 -30.30 -4.97 39.25
CA SER E 95 -29.95 -6.82 42.56
CA MET E 96 -31.74 -8.83 45.22
CA VAL E 97 -33.30 -7.48 48.40
CA ASP E 98 -34.96 -9.04 51.44
CA ARG E 99 -38.77 -8.89 51.34
CA GLY E 100 -41.31 -9.86 53.99
CA TRP E 101 -44.42 -9.00 55.99
CA GLY E 102 -42.88 -5.68 56.92
CA ASN E 103 -42.91 -4.51 53.32
CA GLY E 104 -46.17 -5.87 51.92
CA CYS E 105 -45.16 -9.38 50.78
CA GLY E 106 -46.71 -12.58 52.08
CA LEU E 107 -43.46 -14.53 51.97
CA PHE E 108 -39.99 -13.85 53.41
CA GLY E 109 -37.17 -14.19 50.91
CA LYS E 110 -35.07 -12.46 48.28
CA GLY E 111 -36.96 -10.46 45.67
CA GLY E 112 -35.47 -8.92 42.55
CA ILE E 113 -35.07 -5.13 42.49
CA VAL E 114 -33.93 -2.64 39.88
CA THR E 115 -33.11 1.04 40.26
CA CYS E 116 -32.32 3.65 37.62
CA ALA E 117 -31.28 7.29 38.00
CA MET E 118 -30.81 9.98 35.38
CA PHE E 119 -27.12 10.79 34.89
CA THR E 120 -26.43 14.35 33.68
CA CYS E 121 -22.93 15.60 33.04
CA LYS E 122 -22.39 19.09 34.47
CA LYS E 123 -18.72 19.54 33.64
CA ASN E 124 -16.50 17.67 31.21
CA MET E 125 -12.99 17.76 29.82
CA GLU E 126 -11.65 16.38 26.58
CA GLY E 127 -8.57 14.96 24.97
CA LYS E 128 -7.69 16.30 21.56
CA ILE E 129 -5.21 15.02 19.00
CA VAL E 130 -3.01 17.17 16.78
CA GLN E 131 -3.05 15.77 13.23
CA PRO E 132 -0.90 17.03 10.33
CA GLU E 133 -3.78 19.22 9.11
CA ASN E 134 -3.79 21.15 12.41
CA LEU E 135 -0.14 22.26 12.50
CA GLU E 136 0.91 25.61 11.07
CA TYR E 137 4.23 27.47 11.15
CA THR E 138 4.50 31.16 10.29
CA VAL E 139 7.76 32.42 8.80
CA VAL E 140 8.46 36.07 7.95
CA ILE E 141 10.95 36.88 5.18
CA THR E 142 12.24 40.46 5.28
CA PRO E 143 14.28 42.09 2.49
CA HIS E 144 16.28 45.27 3.29
CA GLY E 159 8.21 41.58 5.51
CA LYS E 160 6.49 38.72 3.70
CA GLU E 161 4.64 36.25 5.90
CA VAL E 162 4.52 32.63 4.71
CA LYS E 163 2.63 29.64 6.10
CA ILE E 164 4.20 26.21 6.36
CA THR E 165 2.41 22.98 7.24
CA PRO E 166 3.40 19.28 7.33
CA GLN E 167 1.43 18.70 4.08
CA SER E 168 2.45 21.93 2.34
CA SER E 169 6.15 22.34 3.09
CA ILE E 170 7.09 24.12 -0.12
CA THR E 171 6.42 27.74 -1.04
CA GLU E 172 7.67 30.02 -3.83
CA ALA E 173 7.97 33.68 -2.87
CA GLU E 174 8.94 36.64 -5.01
CA LEU E 175 11.52 38.81 -3.31
CA THR E 176 12.64 42.06 -4.96
CA GLY E 177 16.24 41.76 -6.10
CA TYR E 178 16.07 37.98 -6.08
CA GLY E 179 12.80 37.42 -7.87
CA THR E 180 11.35 33.99 -7.17
CA VAL E 181 12.90 31.97 -4.35
CA THR E 182 11.70 28.57 -3.24
CA MET E 183 11.45 27.80 0.44
CA GLU E 184 10.97 24.24 1.67
CA CYS E 185 10.72 23.74 5.46
CA SER E 186 10.09 20.78 7.72
CA PRO E 187 9.64 20.33 11.53
CA ARG E 188 12.91 19.83 13.40
CA THR E 189 12.41 19.58 17.19
CA GLY E 190 8.78 18.96 18.14
CA LEU E 191 6.40 16.49 19.71
CA ASP E 192 5.17 13.02 18.78
CA PHE E 193 1.47 13.75 18.40
CA ASN E 194 0.69 10.04 18.10
CA GLU E 195 1.94 9.52 21.68
CA MET E 196 1.13 12.88 23.27
CA VAL E 197 -2.46 14.05 23.58
CA LEU E 198 -3.83 17.47 24.59
CA LEU E 199 -6.00 17.35 27.71
CA GLN E 200 -8.30 20.35 28.00
CA MET E 201 -10.22 21.46 31.07
CA LYS E 202 -12.07 24.73 30.55
CA ASP E 203 -9.52 27.45 29.76
CA LYS E 204 -6.43 25.32 30.49
CA ALA E 205 -4.50 22.61 28.62
CA TRP E 206 -1.82 19.96 29.24
CA LEU E 207 0.20 17.56 27.12
CA VAL E 208 -0.31 14.02 28.38
CA HIS E 209 0.43 10.47 27.29
CA ARG E 210 -2.33 8.90 25.17
CA GLN E 211 -2.67 5.68 27.19
CA TRP E 212 -2.77 7.42 30.55
CA PHE E 213 -5.58 9.56 29.11
CA LEU E 214 -7.44 6.58 27.65
CA ASP E 215 -7.34 4.72 30.97
CA LEU E 216 -8.74 7.50 33.18
CA PRO E 217 -11.49 5.99 35.40
CA LEU E 218 -14.27 8.36 34.30
CA PRO E 219 -17.49 8.21 32.25
CA TRP E 220 -16.83 9.03 28.59
CA LEU E 221 -18.17 9.65 25.10
CA PRO E 222 -16.46 9.13 21.73
CA GLY E 223 -14.72 12.07 20.11
CA ALA E 224 -17.24 12.65 17.32
CA ASP E 225 -20.09 12.60 19.84
CA THR E 226 -22.28 15.72 19.61
CA GLN E 227 -25.19 14.97 21.94
CA GLY E 228 -23.10 14.46 25.07
CA SER E 229 -25.71 12.48 26.99
CA ASN E 230 -25.14 8.73 26.58
CA TRP E 231 -22.06 8.41 28.77
CA ILE E 232 -20.15 5.14 28.91
CA GLN E 233 -19.10 3.71 32.27
CA LYS E 234 -21.29 5.98 34.40
CA GLU E 235 -20.60 3.68 37.36
CA THR E 236 -17.10 5.17 37.69
CA LEU E 237 -18.84 8.10 39.40
CA VAL E 238 -22.00 6.38 40.62
CA THR E 239 -22.60 4.13 43.61
CA PHE E 240 -25.83 2.33 44.46
CA LYS E 241 -26.46 2.07 48.19
CA ASN E 242 -27.79 -1.14 49.70
CA PRO E 243 -31.39 -1.67 48.59
CA HIS E 244 -34.17 -1.25 51.12
CA ALA E 245 -37.45 -3.17 50.62
CA LYS E 246 -39.01 -1.00 47.89
CA LYS E 247 -36.49 1.82 47.49
CA GLN E 248 -32.78 2.36 46.93
CA ASP E 249 -30.60 5.45 46.89
CA VAL E 250 -27.98 6.27 44.29
CA VAL E 251 -25.09 8.61 45.09
CA VAL E 252 -22.39 10.24 42.93
CA LEU E 253 -18.85 11.43 43.50
CA GLY E 254 -18.41 15.18 43.46
CA SER E 255 -16.60 17.17 40.76
CA GLN E 256 -13.30 15.45 39.88
CA GLU E 257 -11.71 18.76 38.85
CA GLY E 258 -9.42 18.81 41.88
CA ALA E 259 -8.43 15.16 41.56
CA MET E 260 -7.48 15.79 37.92
CA HIS E 261 -5.27 18.72 38.90
CA THR E 262 -3.50 16.44 41.36
CA ALA E 263 -3.14 13.73 38.73
CA LEU E 264 -1.67 16.37 36.36
CA THR E 265 0.99 17.59 38.82
CA GLY E 266 4.04 17.05 36.63
CA ALA E 267 2.34 17.39 33.24
CA THR E 268 3.59 20.02 30.79
CA GLU E 269 1.13 22.89 30.59
CA ILE E 270 0.25 24.38 27.19
CA GLN E 271 -1.07 27.90 26.69
CA MET E 272 -4.22 28.32 24.61
CA SER E 273 -5.56 31.09 22.37
CA SER E 274 -9.30 30.29 22.25
CA GLY E 275 -9.50 26.93 20.49
CA ASN E 276 -5.88 26.94 19.29
CA LEU E 277 -2.59 26.13 21.04
CA LEU E 278 0.86 27.68 20.78
CA PHE E 279 4.00 25.58 20.61
CA THR E 280 7.71 26.24 20.54
CA GLY E 281 8.42 25.18 16.99
CA HIS E 282 11.67 24.59 15.20
CA LEU E 283 12.15 24.31 11.44
CA LYS E 284 14.83 23.24 9.00
CA CYS E 285 14.55 25.04 5.66
CA ARG E 286 16.12 24.75 2.23
CA LEU E 287 16.06 27.82 0.00
CA ARG E 288 16.39 27.49 -3.76
CA MET E 289 17.18 30.54 -5.86
CA ASP E 290 18.85 31.64 -9.08
CA LYS E 291 22.59 31.09 -9.37
CA LEU E 292 23.94 33.71 -6.96
CA GLN E 293 27.11 34.15 -4.92
CA LEU E 294 25.98 34.49 -1.32
CA LYS E 295 27.64 36.03 1.73
CA GLY E 296 28.89 33.50 4.27
CA MET E 297 29.75 34.51 7.84
CA SER E 298 32.36 33.19 10.27
CA TYR E 299 32.25 34.22 13.93
CA SER E 300 35.11 34.23 16.42
CA MET E 301 34.69 32.53 19.81
CA CYS E 302 33.59 34.83 22.62
CA THR E 303 36.34 35.30 25.20
CA GLY E 304 34.31 37.13 27.84
CA LYS E 305 32.09 36.04 30.71
CA PHE E 306 28.41 35.12 30.47
CA LYS E 307 25.67 35.72 32.97
CA VAL E 308 22.76 33.36 33.49
CA VAL E 309 19.45 35.06 32.71
CA LYS E 310 17.27 31.99 33.22
CA GLU E 311 18.49 28.70 34.71
CA ILE E 312 18.29 25.43 32.80
CA ALA E 313 14.63 24.80 31.99
CA GLU E 314 12.91 21.94 30.19
CA THR E 315 11.10 22.67 26.93
CA GLN E 316 7.69 21.29 25.93
CA HIS E 317 9.49 18.73 23.76
CA GLY E 318 12.08 16.87 25.83
CA THR E 319 14.98 19.32 25.45
CA ILE E 320 16.32 22.08 27.68
CA VAL E 321 17.04 25.75 27.24
CA ILE E 322 19.50 27.92 29.11
CA ARG E 323 19.05 31.65 28.62
CA VAL E 324 22.30 33.59 28.90
CA GLN E 325 23.63 37.09 28.45
CA TYR E 326 27.12 38.05 27.25
CA GLU E 327 28.85 40.79 29.21
CA GLY E 328 32.29 40.53 27.62
CA ASP E 329 33.71 42.09 24.47
CA GLY E 330 33.93 41.14 20.82
CA SER E 331 30.27 40.49 19.95
CA PRO E 332 29.07 39.17 17.50
CA CYS E 333 30.96 36.15 18.66
CA LYS E 334 30.33 32.41 19.05
CA ILE E 335 29.35 31.10 22.49
CA PRO E 336 31.81 28.46 23.77
CA PHE E 337 29.58 25.51 24.66
CA GLU E 338 30.02 21.94 25.81
CA ILE E 339 28.24 19.11 27.54
CA MET E 340 30.21 16.58 29.58
CA ASP E 341 29.44 13.47 31.60
CA LEU E 342 29.88 12.75 35.31
CA GLU E 343 33.64 12.77 34.73
CA LYS E 344 34.92 15.28 32.18
CA ARG E 345 34.43 13.44 28.89
CA HIS E 346 32.97 15.93 26.41
CA VAL E 347 29.90 14.92 24.42
CA LEU E 348 29.76 15.84 20.73
CA GLY E 349 26.22 16.40 19.50
CA ARG E 350 23.35 17.10 21.92
CA LEU E 351 23.53 20.79 21.00
CA ILE E 352 20.26 21.88 19.37
CA THR E 353 21.30 25.52 18.89
CA VAL E 354 24.24 24.86 16.60
CA ASN E 355 26.60 27.77 16.03
CA PRO E 356 25.24 29.59 19.12
CA ILE E 357 26.18 33.21 18.62
CA VAL E 358 25.47 36.32 20.67
CA THR E 359 24.91 39.18 18.24
CA GLU E 360 25.33 41.82 20.92
CA LYS E 361 26.28 42.47 24.52
CA ASP E 362 23.71 42.61 27.35
CA SER E 363 21.04 40.86 25.25
CA PRO E 364 19.51 37.49 26.32
CA VAL E 365 20.06 34.53 24.05
CA ASN E 366 18.44 31.08 24.25
CA ILE E 367 20.70 28.03 23.91
CA GLU E 368 18.83 24.78 23.39
CA ALA E 369 20.28 21.34 24.10
CA GLU E 370 19.36 17.70 24.72
CA PRO E 371 21.45 16.33 27.63
CA PRO E 372 22.23 12.61 28.06
CA PHE E 373 20.27 10.65 30.65
CA GLY E 374 21.75 10.76 34.14
CA ASP E 375 24.05 13.50 35.49
CA SER E 376 25.75 15.86 33.06
CA TYR E 377 27.36 19.29 33.03
CA ILE E 378 26.59 22.21 30.75
CA ILE E 379 29.73 24.29 30.20
CA ILE E 380 29.30 27.83 28.81
CA GLY E 381 32.07 30.33 28.07
CA VAL E 382 35.85 30.07 28.48
CA GLU E 383 37.42 29.58 31.93
CA PRO E 384 37.75 33.23 32.85
CA GLY E 385 34.33 33.18 34.59
CA GLN E 386 33.09 30.01 32.86
CA LEU E 387 29.63 28.76 33.81
CA LYS E 388 29.41 25.14 34.97
CA LEU E 389 25.79 24.05 35.28
CA ASN E 390 24.69 20.71 36.76
CA TRP E 391 21.78 18.76 35.34
CA PHE E 392 20.05 15.47 35.97
CA LYS E 393 17.79 13.81 33.42
CA LYS E 394 15.02 11.19 33.68
CA MET F 1 40.58 -2.11 2.57
CA ARG F 2 37.63 -1.80 4.93
CA CYS F 3 36.16 1.51 3.82
CA ILE F 4 33.82 2.22 0.85
CA GLY F 5 34.34 5.38 -1.20
CA ILE F 6 31.54 7.72 -2.23
CA SER F 7 30.51 8.11 -5.86
CA ASN F 8 31.39 11.29 -7.76
CA ARG F 9 27.67 12.04 -7.92
CA ASP F 10 27.47 11.92 -4.11
CA PHE F 11 28.88 15.41 -3.68
CA VAL F 12 28.62 18.90 -5.12
CA GLU F 13 31.33 21.57 -4.92
CA GLY F 14 29.76 25.03 -5.14
CA VAL F 15 31.27 27.82 -7.27
CA SER F 16 31.04 29.72 -4.00
CA GLY F 17 29.92 28.51 -0.56
CA GLY F 18 30.84 24.98 0.47
CA SER F 19 30.85 21.37 -0.68
CA TRP F 20 27.88 19.16 0.20
CA VAL F 21 28.20 15.42 0.51
CA ASP F 22 25.68 12.61 0.97
CA ILE F 23 26.60 9.37 2.73
CA VAL F 24 24.67 6.35 3.90
CA LEU F 25 25.91 4.73 7.08
CA GLU F 26 24.92 1.16 7.80
CA HIS F 27 26.14 -1.08 10.59
CA GLY F 28 29.18 -3.09 9.57
CA SER F 29 30.23 -0.59 6.90
CA CYS F 30 32.80 2.18 6.55
CA VAL F 31 32.41 5.22 4.20
CA THR F 32 35.39 7.31 3.17
CA THR F 33 35.96 10.57 1.40
CA MET F 34 39.03 12.64 0.69
CA ALA F 35 39.59 16.21 -0.37
CA LYS F 36 42.53 17.44 -2.40
CA ASN F 37 45.66 17.74 -0.22
CA LYS F 38 43.57 16.97 2.85
CA PRO F 39 43.50 14.07 5.31
CA THR F 40 41.29 11.16 4.26
CA LEU F 41 38.12 10.77 6.34
CA ASP F 42 36.26 7.65 7.42
CA PHE F 43 32.66 7.62 8.67
CA GLU F 44 31.05 4.77 10.58
CA LEU F 45 27.83 4.24 12.54
CA ILE F 46 28.93 2.30 15.65
CA LYS F 47 25.63 1.69 17.40
CA THR F 48 21.98 2.54 17.69
CA GLU F 49 20.54 2.38 21.17
CA ALA F 50 17.36 3.24 23.05
CA LYS F 51 18.14 4.46 26.57
CA GLN F 52 15.78 4.31 29.53
CA PRO F 53 12.48 3.76 27.64
CA ALA F 54 9.48 4.74 29.79
CA THR F 55 6.93 2.15 30.91
CA LEU F 56 3.58 2.03 29.07
CA ARG F 57 1.98 -0.59 31.30
CA LYS F 58 2.91 -3.20 33.88
CA TYR F 59 1.38 -6.68 33.88
CA CYS F 60 1.41 -9.14 36.76
CA ILE F 61 2.27 -12.69 35.62
CA GLU F 62 2.39 -14.38 39.02
CA ALA F 63 0.24 -13.42 41.99
CA LYS F 64 -0.25 -14.98 45.42
CA LEU F 65 -3.38 -14.85 47.54
CA THR F 66 -3.42 -14.42 51.33
CA ASN F 67 -5.72 -13.18 54.11
CA THR F 68 -8.92 -14.69 52.68
CA THR F 69 -11.91 -13.35 54.60
CA THR F 70 -15.65 -13.85 54.23
CA GLU F 71 -18.83 -12.32 55.66
CA SER F 72 -22.00 -14.39 55.23
CA ARG F 73 -25.57 -13.44 56.20
CA CYS F 74 -28.77 -15.38 56.78
CA PRO F 75 -32.01 -14.69 54.93
CA THR F 76 -33.62 -11.43 56.19
CA GLN F 77 -30.20 -10.15 57.34
CA GLY F 78 -29.37 -8.19 54.22
CA GLU F 79 -26.06 -7.52 52.49
CA PRO F 80 -22.72 -8.58 54.00
CA THR F 81 -19.76 -6.22 54.01
CA LEU F 82 -15.99 -6.13 54.45
CA ASN F 83 -13.67 -3.18 55.04
CA GLU F 84 -11.24 -4.82 52.61
CA GLU F 85 -13.70 -4.08 49.79
CA GLN F 86 -12.23 -0.57 49.99
CA ASP F 87 -8.62 -1.78 49.99
CA LYS F 88 -7.40 -1.88 46.37
CA ARG F 89 -4.88 -4.57 47.34
CA PHE F 90 -7.80 -6.98 47.75
CA VAL F 91 -9.85 -8.87 45.17
CA CYS F 92 -13.46 -9.30 46.34
CA LYS F 93 -16.67 -10.91 45.16
CA HIS F 94 -20.31 -10.70 46.23
CA SER F 95 -22.77 -13.56 45.67
CA MET F 96 -25.61 -15.56 47.17
CA VAL F 97 -25.30 -18.84 49.08
CA ASP F 98 -27.77 -21.32 50.53
CA ARG F 99 -28.26 -20.95 54.30
CA GLY F 100 -30.25 -23.11 56.73
CA TRP F 101 -30.41 -24.99 60.02
CA GLY F 102 -27.17 -26.73 59.16
CA ASN F 103 -25.24 -23.47 59.26
CA GLY F 104 -26.79 -21.55 62.15
CA CYS F 105 -29.72 -19.76 60.46
CA GLY F 106 -33.36 -20.24 61.43
CA LEU F 107 -34.64 -19.97 57.87
CA PHE F 108 -33.71 -21.79 54.66
CA GLY F 109 -32.97 -19.52 51.73
CA LYS F 110 -30.36 -17.50 49.87
CA GLY F 111 -28.18 -15.24 52.01
CA GLY F 112 -25.74 -12.65 50.70
CA ILE F 113 -22.03 -13.44 51.02
CA VAL F 114 -18.84 -11.52 50.27
CA THR F 115 -15.27 -12.75 50.16
CA CYS F 116 -12.02 -10.81 49.77
CA ALA F 117 -8.45 -12.04 49.45
CA MET F 118 -5.20 -10.11 49.39
CA PHE F 119 -3.66 -10.09 45.89
CA THR F 120 0.14 -9.74 45.84
CA CYS F 121 2.10 -9.68 42.60
CA LYS F 122 5.20 -11.86 42.80
CA LYS F 123 6.47 -11.44 39.25
CA ASN F 124 5.61 -8.85 36.61
CA MET F 125 6.62 -7.81 33.11
CA GLU F 126 6.26 -4.47 31.42
CA GLY F 127 5.80 -2.85 28.06
CA LYS F 128 8.00 0.12 27.32
CA ILE F 129 7.79 2.67 24.54
CA VAL F 130 10.73 4.19 22.69
CA GLN F 131 10.18 7.95 22.33
CA PRO F 132 12.41 10.34 20.33
CA GLU F 133 14.29 11.28 23.52
CA ASN F 134 15.40 7.66 24.04
CA LEU F 135 17.07 7.04 20.66
CA GLU F 136 20.80 7.63 20.20
CA TYR F 137 23.14 6.88 17.29
CA THR F 138 26.92 6.91 17.68
CA VAL F 139 29.02 7.83 14.66
CA VAL F 140 32.83 7.81 14.62
CA ILE F 141 34.67 10.12 12.22
CA THR F 142 38.30 9.16 11.64
CA PRO F 143 40.85 11.35 9.81
CA HIS F 144 44.05 9.74 8.49
CA GLY F 159 38.62 9.01 15.80
CA LYS F 160 35.99 11.54 16.88
CA GLU F 161 32.81 10.07 18.33
CA VAL F 162 29.58 12.01 17.72
CA LYS F 163 26.08 11.46 19.06
CA ILE F 164 23.00 11.82 16.90
CA THR F 165 19.40 11.79 18.07
CA PRO F 166 16.00 12.42 16.43
CA GLN F 167 15.84 15.86 18.10
CA SER F 168 19.50 16.79 17.64
CA SER F 169 20.36 15.67 14.12
CA ILE F 170 22.97 18.34 13.40
CA THR F 171 26.53 18.50 14.69
CA GLU F 172 29.56 20.65 13.78
CA ALA F 173 32.90 18.89 14.22
CA GLU F 174 36.39 20.26 13.73
CA LEU F 175 38.54 17.94 11.67
CA THR F 176 42.21 18.75 11.12
CA GLY F 177 42.82 19.63 7.49
CA TYR F 178 39.15 20.43 6.95
CA GLY F 179 38.45 22.56 9.98
CA THR F 180 34.75 22.73 10.79
CA VAL F 181 32.46 20.30 8.99
CA THR F 182 28.73 20.05 9.58
CA MET F 183 27.13 16.64 9.83
CA GLU F 184 23.35 16.25 9.69
CA CYS F 185 21.98 12.70 9.99
CA SER F 186 18.51 11.17 10.15
CA PRO F 187 17.14 7.61 10.65
CA ARG F 188 16.81 5.63 7.44
CA THR F 189 15.62 2.02 8.02
CA GLY F 190 14.20 1.54 11.51
CA LEU F 191 11.05 0.74 13.45
CA ASP F 192 7.72 2.48 13.97
CA PHE F 193 7.87 3.00 17.72
CA ASN F 194 4.24 4.14 17.78
CA GLU F 195 3.15 0.66 16.60
CA MET F 196 5.87 -1.54 18.09
CA VAL F 197 6.30 -1.80 21.85
CA LEU F 198 9.10 -3.40 23.87
CA LEU F 199 7.92 -6.23 26.11
CA GLN F 200 10.32 -6.98 28.93
CA MET F 201 10.37 -10.04 31.15
CA LYS F 202 13.30 -10.10 33.56
CA ASP F 203 16.52 -10.11 31.55
CA LYS F 204 14.85 -10.62 28.13
CA ALA F 205 13.01 -8.37 25.66
CA TRP F 206 10.80 -8.62 22.56
CA LEU F 207 9.33 -6.22 20.04
CA VAL F 208 5.56 -6.64 19.93
CA HIS F 209 2.53 -4.87 18.49
CA ARG F 210 1.02 -2.26 20.82
CA GLN F 211 -2.58 -3.49 20.63
CA TRP F 212 -1.68 -7.13 21.19
CA PHE F 213 0.21 -5.97 24.28
CA LEU F 214 -2.65 -3.75 25.51
CA ASP F 215 -5.17 -6.60 25.19
CA LEU F 216 -3.23 -9.22 27.16
CA PRO F 217 -5.67 -10.85 29.68
CA LEU F 218 -3.62 -10.05 32.80
CA PRO F 219 -3.86 -7.76 35.85
CA TRP F 220 -2.14 -4.42 35.20
CA LEU F 221 -1.00 -1.06 36.51
CA PRO F 222 -0.44 2.20 34.58
CA GLY F 223 3.06 3.00 33.36
CA ALA F 224 3.80 5.80 35.83
CA ASP F 225 2.69 3.59 38.73
CA THR F 226 5.35 3.33 41.44
CA GLN F 227 3.60 1.45 44.27
CA GLY F 228 2.77 -1.65 42.24
CA SER F 229 -0.02 -2.89 44.52
CA ASN F 230 -3.41 -1.73 43.22
CA TRP F 231 -3.68 -4.04 40.23
CA ILE F 232 -6.52 -3.63 37.75
CA GLN F 233 -8.47 -6.68 36.59
CA LYS F 234 -7.15 -9.07 39.25
CA GLU F 235 -9.90 -11.50 38.26
CA THR F 236 -7.94 -12.43 35.12
CA LEU F 237 -5.82 -14.59 37.45
CA VAL F 238 -8.29 -15.15 40.28
CA THR F 239 -11.24 -17.53 40.55
CA PHE F 240 -13.71 -17.70 43.44
CA LYS F 241 -14.91 -21.24 44.15
CA ASN F 242 -18.57 -21.91 44.92
CA PRO F 243 -19.44 -20.41 48.30
CA HIS F 244 -20.10 -22.74 51.21
CA ALA F 245 -22.40 -21.58 54.05
CA LYS F 246 -19.96 -19.26 55.88
CA LYS F 247 -16.73 -19.68 53.91
CA GLN F 248 -15.46 -19.55 50.36
CA ASP F 249 -12.10 -20.36 48.79
CA VAL F 250 -10.27 -18.21 46.27
CA VAL F 251 -7.71 -19.73 43.91
CA VAL F 252 -5.19 -18.20 41.48
CA LEU F 253 -3.56 -19.27 38.25
CA GLY F 254 0.13 -20.09 38.51
CA SER F 255 2.95 -18.04 37.00
CA GLN F 256 2.09 -17.08 33.41
CA GLU F 257 5.77 -16.92 32.42
CA GLY F 258 5.52 -20.07 30.31
CA ALA F 259 2.27 -19.04 28.63
CA MET F 260 3.85 -15.72 27.68
CA HIS F 261 6.83 -17.47 26.10
CA THR F 262 4.40 -19.53 24.04
CA ALA F 263 2.46 -16.42 23.06
CA LEU F 264 5.77 -14.80 22.02
CA THR F 265 6.85 -17.68 19.75
CA GLY F 266 7.36 -15.67 16.56
CA ALA F 267 8.16 -12.30 18.14
CA THR F 268 11.45 -10.57 17.32
CA GLU F 269 13.81 -10.81 20.28
CA ILE F 270 15.85 -7.74 21.27
CA GLN F 271 19.11 -7.90 23.21
CA MET F 272 19.45 -5.71 26.29
CA SER F 273 22.36 -4.02 28.04
CA SER F 274 20.98 -3.42 31.55
CA GLY F 275 18.11 -0.99 31.04
CA ASN F 276 19.03 -0.11 27.46
CA LEU F 277 18.43 -1.90 24.14
CA LEU F 278 20.58 -2.27 21.03
CA PHE F 279 19.15 -1.90 17.55
CA THR F 280 20.44 -2.28 14.02
CA GLY F 281 20.36 1.34 12.99
CA HIS F 282 20.76 2.95 9.61
CA LEU F 283 21.42 6.63 8.94
CA LYS F 284 21.41 9.02 6.01
CA CYS F 285 23.84 11.90 6.48
CA ARG F 286 24.60 15.19 4.75
CA LEU F 287 28.04 16.70 5.29
CA ARG F 288 28.64 20.40 4.76
CA MET F 289 32.18 21.73 4.46
CA ASP F 290 34.25 24.48 2.91
CA LYS F 291 34.43 24.58 -0.89
CA LEU F 292 36.64 21.58 -1.61
CA GLN F 293 37.14 19.24 -4.56
CA LEU F 294 36.45 15.75 -3.24
CA LYS F 295 37.53 12.32 -4.46
CA GLY F 296 34.75 10.28 -6.06
CA MET F 297 35.07 6.52 -6.57
CA MET G 1 3.04 18.62 -24.28
CA ARG G 2 2.29 16.51 -21.23
CA CYS G 3 5.46 16.98 -19.21
CA ILE G 4 6.40 19.92 -16.91
CA GLY G 5 9.99 21.19 -16.90
CA ILE G 6 11.98 21.92 -13.76
CA SER G 7 12.99 25.45 -12.82
CA ASN G 8 16.61 26.56 -13.18
CA ARG G 9 16.73 26.85 -9.37
CA ASP G 10 15.71 23.18 -9.05
CA PHE G 11 19.21 21.91 -9.76
CA VAL G 12 22.84 22.57 -8.92
CA GLU G 13 25.82 21.59 -11.06
CA GLY G 14 28.91 21.18 -8.89
CA VAL G 15 32.33 22.54 -9.93
CA SER G 16 33.38 18.96 -9.21
CA GLY G 17 31.23 15.97 -8.20
CA GLY G 18 27.79 15.66 -9.72
CA SER G 19 24.59 17.54 -10.46
CA TRP G 20 21.75 17.40 -7.92
CA VAL G 21 18.15 17.88 -8.93
CA ASP G 22 14.92 18.23 -6.96
CA ILE G 23 11.58 17.13 -8.40
CA VAL G 24 8.08 16.81 -7.03
CA LEU G 25 6.03 13.96 -8.40
CA GLU G 26 2.27 14.11 -8.08
CA HIS G 27 -0.29 11.78 -9.59
CA GLY G 28 -1.47 12.94 -12.99
CA SER G 29 1.71 14.92 -13.66
CA CYS G 30 4.90 14.46 -15.67
CA VAL G 31 8.27 16.12 -14.81
CA THR G 32 11.02 16.44 -17.39
CA THR G 33 14.65 17.41 -17.41
CA MET G 34 17.34 17.42 -20.08
CA ALA G 35 21.10 17.63 -20.00
CA LYS G 36 23.24 19.11 -22.73
CA ASN G 37 23.58 16.67 -25.66
CA LYS G 38 21.79 14.02 -23.62
CA PRO G 39 18.44 12.26 -23.99
CA THR G 40 15.50 14.08 -22.42
CA LEU G 41 14.11 12.39 -19.29
CA ASP G 42 10.54 12.16 -18.01
CA PHE G 43 9.60 11.25 -14.43
CA GLU G 44 6.16 10.13 -13.31
CA LEU G 45 4.66 8.59 -10.17
CA ILE G 46 2.29 5.89 -11.48
CA LYS G 47 0.74 4.59 -8.29
CA THR G 48 0.84 4.42 -4.53
CA GLU G 49 -0.34 1.19 -3.01
CA ALA G 50 -0.49 -0.57 0.35
CA LYS G 51 0.01 -4.32 -0.05
CA GLN G 52 -1.21 -6.97 2.35
CA PRO G 53 -1.88 -4.76 5.43
CA ALA G 54 -1.94 -6.82 8.64
CA THR G 55 -5.13 -7.14 10.70
CA LEU G 56 -5.40 -5.05 13.88
CA ARG G 57 -8.70 -6.54 15.06
CA LYS G 58 -11.63 -8.56 13.75
CA TYR G 59 -15.23 -7.69 14.60
CA CYS G 60 -18.23 -9.97 14.23
CA ILE G 61 -21.22 -8.16 12.68
CA GLU G 62 -23.60 -11.13 12.39
CA ALA G 63 -23.72 -14.04 14.79
CA LYS G 64 -26.07 -17.00 15.11
CA LEU G 65 -26.97 -18.84 18.30
CA THR G 66 -27.42 -22.62 18.57
CA ASN G 67 -27.25 -25.40 21.18
CA THR G 68 -28.93 -23.44 23.97
CA THR G 69 -28.61 -25.35 27.24
CA THR G 70 -29.66 -24.58 30.81
CA GLU G 71 -29.07 -26.04 34.27
CA SER G 72 -31.51 -24.91 36.97
CA ARG G 73 -31.43 -25.77 40.70
CA CYS G 74 -33.98 -25.66 43.50
CA PRO G 75 -33.46 -23.74 46.73
CA THR G 76 -30.90 -25.54 48.97
CA GLN G 77 -29.34 -27.21 45.91
CA GLY G 78 -26.62 -24.66 45.34
CA GLU G 79 -25.01 -23.40 42.14
CA PRO G 80 -25.77 -24.91 38.72
CA THR G 81 -23.01 -25.66 36.26
CA LEU G 82 -22.36 -26.42 32.59
CA ASN G 83 -19.27 -27.82 30.89
CA GLU G 84 -19.87 -25.29 28.10
CA GLU G 85 -18.95 -22.51 30.54
CA GLN G 86 -15.37 -23.58 29.76
CA ASP G 87 -15.90 -23.60 26.00
CA LYS G 88 -14.96 -20.17 24.63
CA ARG G 89 -17.33 -20.73 21.70
CA PHE G 90 -20.24 -20.39 24.12
CA VAL G 91 -21.82 -17.30 25.67
CA CYS G 92 -23.13 -18.04 29.18
CA LYS G 93 -24.96 -16.29 31.98
CA HIS G 94 -25.65 -17.09 35.64
CA SER G 95 -28.69 -15.72 37.49
CA MET G 96 -31.44 -16.51 39.96
CA VAL G 97 -34.95 -17.70 39.13
CA ASP G 98 -38.09 -18.40 41.15
CA ARG G 99 -38.67 -22.10 41.85
CA GLY G 100 -41.63 -23.83 43.48
CA TRP G 101 -44.21 -26.62 43.43
CA GLY G 102 -45.11 -25.67 39.89
CA ASN G 103 -41.68 -26.63 38.61
CA GLY G 104 -40.77 -29.72 40.61
CA CYS G 105 -39.18 -28.22 43.75
CA GLY G 106 -40.49 -28.78 47.28
CA LEU G 107 -39.64 -25.26 48.43
CA PHE G 108 -40.50 -21.82 47.05
CA GLY G 109 -37.54 -19.51 46.63
CA LYS G 110 -34.72 -18.35 44.37
CA GLY G 111 -32.66 -21.09 42.75
CA GLY G 112 -29.46 -20.58 40.79
CA ILE G 113 -29.64 -21.01 37.00
CA VAL G 114 -27.09 -20.96 34.21
CA THR G 115 -27.62 -20.88 30.47
CA CYS G 116 -25.09 -21.18 27.64
CA ALA G 117 -25.59 -20.90 23.87
CA MET G 118 -23.15 -21.50 21.04
CA PHE G 119 -22.09 -18.25 19.40
CA THR G 120 -21.08 -18.57 15.74
CA CYS G 121 -19.94 -15.59 13.69
CA LYS G 122 -21.54 -15.56 10.25
CA LYS G 123 -20.12 -12.31 8.94
CA ASN G 124 -17.19 -10.22 10.16
CA MET G 125 -15.23 -7.13 9.23
CA GLU G 126 -11.71 -6.17 10.13
CA GLY G 127 -9.48 -3.21 10.75
CA LYS G 128 -6.07 -3.29 9.11
CA ILE G 129 -3.04 -1.13 9.70
CA VAL G 130 -0.65 0.11 7.02
CA GLN G 131 2.94 -0.29 8.24
CA PRO G 132 6.07 0.95 6.43
CA GLU G 133 6.57 -2.51 4.88
CA ASN G 134 3.18 -2.32 3.14
CA LEU G 135 3.64 0.96 1.24
CA GLU G 136 4.95 0.98 -2.32
CA TYR G 137 5.29 3.78 -4.88
CA THR G 138 5.89 3.09 -8.56
CA VAL G 139 7.81 5.67 -10.58
CA VAL G 140 8.48 5.39 -14.33
CA ILE G 141 11.56 7.08 -15.79
CA THR G 142 11.40 7.57 -19.56
CA PRO G 143 14.36 8.65 -21.73
CA HIS G 144 13.66 10.04 -25.23
CA GLY G 159 10.38 3.52 -19.73
CA LYS G 160 12.10 2.14 -16.63
CA GLU G 161 9.81 1.30 -13.73
CA VAL G 162 11.25 1.75 -10.22
CA LYS G 163 9.80 0.84 -6.83
CA ILE G 164 10.10 3.12 -3.83
CA THR G 165 9.19 2.27 -0.25
CA PRO G 166 9.57 4.02 3.13
CA GLN G 167 12.46 1.66 4.00
CA SER G 168 14.08 1.61 0.57
CA SER G 169 13.96 5.20 -0.64
CA ILE G 170 17.13 5.12 -2.71
CA THR G 171 17.62 3.54 -6.12
CA GLU G 172 20.40 3.73 -8.73
CA ALA G 173 19.20 3.41 -12.32
CA GLU G 174 21.23 3.29 -15.51
CA LEU G 175 19.83 5.63 -18.14
CA THR G 176 21.39 5.70 -21.62
CA GLY G 177 23.15 8.99 -22.20
CA TYR G 178 23.41 9.64 -18.46
CA GLY G 179 24.65 6.29 -17.26
CA THR G 180 23.98 5.77 -13.56
CA VAL G 181 21.65 8.22 -11.84
CA THR G 182 20.63 8.01 -8.22
CA MET G 183 17.03 8.62 -7.26
CA GLU G 184 16.04 9.16 -3.63
CA CYS G 185 12.32 9.73 -2.94
CA SER G 186 10.22 10.18 0.18
CA PRO G 187 6.45 10.57 0.88
CA ARG G 188 5.22 14.17 0.70
CA THR G 189 1.43 14.46 1.21
CA GLY G 190 -0.07 11.28 2.66
CA LEU G 191 -1.83 9.82 5.68
CA ASP G 192 -0.85 9.22 9.29
CA PHE G 193 -1.17 5.43 9.40
CA ASN G 194 -0.72 5.43 13.18
CA GLU G 195 -3.98 7.41 13.55
CA MET G 196 -5.95 6.22 10.52
CA VAL G 197 -6.97 2.58 10.21
CA LEU G 198 -8.48 0.73 7.23
CA LEU G 199 -11.91 -0.75 7.95
CA GLN G 200 -12.84 -3.53 5.57
CA MET G 201 -16.27 -5.05 5.05
CA LYS G 202 -16.36 -7.61 2.26
CA ASP G 203 -15.36 -5.91 -0.99
CA LYS G 204 -15.36 -2.34 0.41
CA ALA G 205 -12.97 -0.27 2.54
CA TRP G 206 -12.90 2.98 4.53
CA LEU G 207 -10.27 5.04 6.33
CA VAL G 208 -11.32 5.54 9.95
CA HIS G 209 -9.81 6.81 13.19
CA ARG G 210 -8.10 4.11 15.25
CA GLN G 211 -9.87 4.86 18.55
CA TRP G 212 -13.33 5.01 17.01
CA PHE G 213 -12.58 1.59 15.50
CA LEU G 214 -11.23 0.17 18.77
CA ASP G 215 -14.32 1.29 20.70
CA LEU G 216 -16.95 -0.24 18.39
CA PRO G 217 -19.49 -2.14 20.57
CA LEU G 218 -19.09 -5.51 18.84
CA PRO G 219 -17.62 -8.95 19.63
CA TRP G 220 -13.97 -9.17 18.53
CA LEU G 221 -10.84 -11.26 18.10
CA PRO G 222 -7.19 -10.13 18.08
CA GLY G 223 -5.53 -9.40 14.75
CA ALA G 224 -3.29 -12.46 14.65
CA ASP G 225 -6.25 -14.72 15.43
CA THR G 226 -6.65 -17.51 12.89
CA GLN G 227 -9.40 -19.72 14.38
CA GLY G 228 -12.06 -17.01 14.51
CA SER G 229 -14.24 -18.74 17.12
CA ASN G 230 -13.43 -17.45 20.62
CA TRP G 231 -15.02 -14.03 20.32
CA ILE G 232 -14.56 -11.46 23.09
CA GLN G 233 -17.56 -9.52 24.38
CA LYS G 234 -20.21 -11.71 22.74
CA GLU G 235 -22.80 -10.00 24.95
CA THR G 236 -22.64 -6.91 22.72
CA LEU G 237 -24.87 -8.88 20.33
CA VAL G 238 -26.47 -11.31 22.77
CA THR G 239 -29.33 -10.83 25.23
CA PHE G 240 -30.58 -13.40 27.73
CA LYS G 241 -34.34 -13.24 28.28
CA ASN G 242 -35.78 -13.55 31.78
CA PRO G 243 -35.27 -17.09 33.06
CA HIS G 244 -38.27 -19.37 33.37
CA ALA G 245 -38.19 -22.19 35.96
CA LYS G 246 -35.96 -24.66 34.09
CA LYS G 247 -35.36 -22.93 30.75
CA GLN G 248 -34.22 -19.60 29.38
CA ASP G 249 -34.05 -18.17 25.88
CA VAL G 250 -31.10 -16.32 24.38
CA VAL G 251 -31.58 -13.91 21.49
CA VAL G 252 -29.12 -12.08 19.20
CA LEU G 253 -29.15 -8.83 17.27
CA GLY G 254 -29.35 -9.22 13.51
CA SER G 255 -26.54 -8.41 11.06
CA GLN G 256 -24.97 -5.05 11.95
CA GLU G 257 -23.95 -4.43 8.33
CA GLY G 258 -26.53 -1.68 7.88
CA ALA G 259 -25.74 0.00 11.21
CA MET G 260 -22.06 0.08 10.23
CA HIS G 261 -22.87 1.75 6.92
CA THR G 262 -24.79 4.40 8.83
CA ALA G 263 -21.93 4.84 11.28
CA LEU G 264 -19.57 5.24 8.29
CA THR G 265 -21.62 7.99 6.61
CA GLY G 266 -18.89 10.62 6.35
CA ALA G 267 -15.89 8.29 6.26
CA THR G 268 -13.47 8.45 3.32
CA GLU G 269 -13.95 5.43 1.08
CA ILE G 270 -10.88 3.64 -0.32
CA GLN G 271 -10.91 1.52 -3.45
CA MET G 272 -9.45 -1.98 -3.25
CA SER G 273 -7.70 -4.28 -5.72
CA SER G 274 -8.17 -7.71 -4.11
CA GLY G 275 -6.21 -7.50 -0.86
CA ASN G 276 -4.40 -4.27 -1.75
CA LEU G 277 -5.48 -0.62 -1.63
CA LEU G 278 -4.76 2.32 -3.93
CA PHE G 279 -3.87 5.74 -2.60
CA THR G 280 -3.22 9.15 -4.09
CA GLY G 281 0.48 9.38 -3.35
CA HIS G 282 2.85 12.29 -3.59
CA LEU G 283 6.64 12.10 -3.57
CA LYS G 284 9.60 14.45 -3.23
CA CYS G 285 12.68 13.17 -5.06
CA ARG G 286 16.34 14.09 -5.27
CA LEU G 287 18.27 12.96 -8.33
CA ARG G 288 22.05 12.63 -8.24
CA MET G 289 24.00 12.35 -11.48
CA ASP G 290 27.36 13.10 -13.06
CA LYS G 291 28.33 16.75 -13.38
CA LEU G 292 26.00 17.93 -16.14
CA GLN G 293 24.52 21.26 -17.19
CA LEU G 294 20.75 20.79 -17.12
CA LYS G 295 17.92 22.62 -18.86
CA GLY G 296 15.85 24.84 -16.59
CA MET G 297 12.42 26.11 -17.62
#